data_6GJK
#
_entry.id   6GJK
#
_cell.length_a   100.680
_cell.length_b   100.680
_cell.length_c   175.530
_cell.angle_alpha   90.00
_cell.angle_beta   90.00
_cell.angle_gamma   90.00
#
_symmetry.space_group_name_H-M   'P 42 21 2'
#
loop_
_entity.id
_entity.type
_entity.pdbx_description
1 polymer 'Histone deacetylase-like amidohydrolase'
2 non-polymer 'ZINC ION'
3 non-polymer 'POTASSIUM ION'
4 non-polymer 'PENTAETHYLENE GLYCOL'
5 non-polymer DI(HYDROXYETHYL)ETHER
6 non-polymer 2-(1,4,5,6-tetrahydropyrimidin-2-yl)benzenethiol
7 non-polymer 'ACETATE ION'
8 non-polymer D-MALATE
9 water water
#
_entity_poly.entity_id   1
_entity_poly.type   'polypeptide(L)'
_entity_poly.pdbx_seq_one_letter_code
;MHHHHHHAIGYVWNTLYGWVDTGTGSLAAANLTARMQPISHHLAHPDTKRRFHELVCASGQIEHLTPIAAVAATDADILR
AHSAAHLENMKRVSNLPTGGDTGDGITMMGNGGLEIARLSAGGAVELTRRVATGELSAGYALVNPPGHHAPHNAAMGFCI
FNNTSVAAGYARAVLGMERVAILDWDVHHGNGTQDIWWNDPSVLTISLHQHLCFPPDSGYSTERGAGNGHGYNINVPLPP
GSGNAAYLHAMDQVVLPALRAYRPQLIIVGSGFDASMLDPLARMMVTADGFRQMARRTIDCAADICDGRIVFVQEGGYSP
HYLPFCGLAVIEELTGVRSLPDPYHEFLAGMGGNTLLDAERAAIEEIVPLLADIR
;
_entity_poly.pdbx_strand_id   A,B
#
loop_
_chem_comp.id
_chem_comp.type
_chem_comp.name
_chem_comp.formula
1PE non-polymer 'PENTAETHYLENE GLYCOL' 'C10 H22 O6'
ACT non-polymer 'ACETATE ION' 'C2 H3 O2 -1'
F0Z non-polymer 2-(1,4,5,6-tetrahydropyrimidin-2-yl)benzenethiol 'C10 H12 N2 S'
K non-polymer 'POTASSIUM ION' 'K 1'
MLT non-polymer D-MALATE 'C4 H6 O5'
PEG non-polymer DI(HYDROXYETHYL)ETHER 'C4 H10 O3'
ZN non-polymer 'ZINC ION' 'Zn 2'
#
# COMPACT_ATOMS: atom_id res chain seq x y z
N HIS A 7 22.00 -17.37 0.73
CA HIS A 7 21.24 -16.37 -0.11
C HIS A 7 19.85 -16.10 0.47
N ALA A 8 19.75 -15.05 1.27
CA ALA A 8 18.47 -14.56 1.80
C ALA A 8 18.53 -13.05 1.68
N ILE A 9 17.55 -12.45 1.00
CA ILE A 9 17.57 -11.03 0.68
C ILE A 9 16.50 -10.32 1.47
N GLY A 10 16.89 -9.44 2.38
CA GLY A 10 15.95 -8.68 3.19
C GLY A 10 15.29 -7.54 2.42
N TYR A 11 14.08 -7.19 2.86
CA TYR A 11 13.29 -6.15 2.21
C TYR A 11 12.49 -5.43 3.27
N VAL A 12 12.68 -4.11 3.38
CA VAL A 12 11.97 -3.29 4.37
C VAL A 12 10.99 -2.38 3.66
N TRP A 13 9.71 -2.51 4.02
CA TRP A 13 8.69 -1.47 3.75
C TRP A 13 7.89 -1.33 5.04
N ASN A 14 7.34 -0.14 5.23
CA ASN A 14 6.45 0.15 6.34
C ASN A 14 5.35 1.05 5.79
N THR A 15 4.10 0.77 6.14
CA THR A 15 2.98 1.57 5.68
C THR A 15 3.20 3.07 5.83
N LEU A 16 3.79 3.49 6.96
CA LEU A 16 3.94 4.90 7.23
C LEU A 16 4.91 5.62 6.29
N TYR A 17 5.82 4.87 5.65
CA TYR A 17 6.65 5.46 4.59
C TYR A 17 5.79 6.08 3.48
N GLY A 18 4.61 5.50 3.26
CA GLY A 18 3.68 6.03 2.27
C GLY A 18 2.77 7.15 2.76
N TRP A 19 2.86 7.47 4.05
CA TRP A 19 1.99 8.46 4.71
C TRP A 19 2.69 9.79 4.99
N VAL A 20 3.92 9.95 4.53
CA VAL A 20 4.64 11.20 4.74
C VAL A 20 3.85 12.36 4.13
N ASP A 21 3.63 13.40 4.93
CA ASP A 21 2.86 14.55 4.48
C ASP A 21 3.82 15.61 3.96
N THR A 22 3.93 15.65 2.63
CA THR A 22 4.73 16.64 1.92
C THR A 22 4.02 17.97 1.67
N GLY A 23 2.77 18.06 2.09
CA GLY A 23 2.06 19.33 2.08
C GLY A 23 1.29 19.56 0.80
N THR A 24 0.99 20.82 0.54
CA THR A 24 0.21 21.22 -0.64
C THR A 24 1.00 22.11 -1.60
N GLY A 25 2.31 22.25 -1.37
CA GLY A 25 3.18 22.95 -2.30
C GLY A 25 3.79 22.01 -3.34
N SER A 26 4.52 22.63 -4.26
CA SER A 26 5.24 21.91 -5.32
C SER A 26 6.62 21.45 -4.85
N LEU A 27 7.27 22.32 -4.09
CA LEU A 27 8.65 22.15 -3.70
C LEU A 27 8.80 22.90 -2.38
N ALA A 28 8.74 24.23 -2.45
CA ALA A 28 8.37 25.04 -1.30
C ALA A 28 6.86 24.94 -1.09
N ALA A 29 6.36 25.55 -0.02
CA ALA A 29 4.93 25.58 0.27
C ALA A 29 4.18 26.35 -0.81
N ALA A 30 2.88 26.09 -0.93
CA ALA A 30 2.02 26.95 -1.73
C ALA A 30 2.11 28.36 -1.15
N ASN A 31 1.97 29.37 -2.01
CA ASN A 31 2.09 30.75 -1.55
C ASN A 31 1.27 31.64 -2.48
N LEU A 32 0.20 32.22 -1.94
N LEU A 32 0.20 32.22 -1.94
CA LEU A 32 -0.73 33.00 -2.75
CA LEU A 32 -0.73 33.02 -2.73
C LEU A 32 -0.12 34.32 -3.26
C LEU A 32 -0.11 34.30 -3.27
N THR A 33 0.71 34.98 -2.46
CA THR A 33 1.33 36.23 -2.89
C THR A 33 2.28 36.02 -4.08
N ALA A 34 3.02 34.92 -4.05
CA ALA A 34 3.89 34.51 -5.16
C ALA A 34 3.13 33.86 -6.33
N ARG A 35 1.85 33.59 -6.11
CA ARG A 35 0.97 32.90 -7.07
C ARG A 35 1.46 31.50 -7.41
N MET A 36 1.98 30.80 -6.39
N MET A 36 1.93 30.79 -6.38
CA MET A 36 2.28 29.37 -6.48
CA MET A 36 2.28 29.40 -6.46
C MET A 36 1.04 28.65 -5.98
C MET A 36 1.05 28.63 -5.97
N GLN A 37 0.29 28.13 -6.95
CA GLN A 37 -0.98 27.48 -6.72
C GLN A 37 -0.81 26.16 -5.96
N PRO A 38 -1.70 25.86 -5.01
CA PRO A 38 -1.61 24.54 -4.38
C PRO A 38 -1.71 23.39 -5.39
N ILE A 39 -1.13 22.25 -5.03
CA ILE A 39 -1.19 21.07 -5.88
C ILE A 39 -1.29 19.85 -4.97
N SER A 40 -1.93 18.80 -5.48
N SER A 40 -1.92 18.78 -5.42
CA SER A 40 -2.17 17.59 -4.70
CA SER A 40 -2.11 17.63 -4.52
C SER A 40 -0.87 16.86 -4.36
C SER A 40 -0.84 16.81 -4.34
N HIS A 41 0.01 16.75 -5.35
CA HIS A 41 1.25 16.00 -5.26
C HIS A 41 2.46 16.90 -5.37
N HIS A 42 3.06 17.17 -4.21
CA HIS A 42 4.40 17.73 -4.13
C HIS A 42 5.35 16.86 -4.96
N LEU A 43 6.43 17.45 -5.43
CA LEU A 43 7.45 16.68 -6.16
C LEU A 43 7.88 15.41 -5.40
N ALA A 44 8.01 15.53 -4.07
CA ALA A 44 8.52 14.45 -3.21
C ALA A 44 7.41 13.61 -2.58
N HIS A 45 6.19 13.69 -3.10
CA HIS A 45 5.06 12.95 -2.57
C HIS A 45 5.38 11.47 -2.41
N PRO A 46 4.89 10.82 -1.32
CA PRO A 46 5.25 9.43 -1.08
C PRO A 46 4.71 8.39 -2.07
N ASP A 47 3.75 8.77 -2.93
CA ASP A 47 3.22 7.81 -3.88
C ASP A 47 4.33 7.23 -4.78
N THR A 48 5.37 8.02 -5.09
CA THR A 48 6.40 7.51 -6.01
C THR A 48 7.06 6.24 -5.43
N LYS A 49 7.47 6.30 -4.17
CA LYS A 49 8.12 5.14 -3.54
C LYS A 49 7.11 4.05 -3.21
N ARG A 50 5.87 4.42 -2.86
CA ARG A 50 4.84 3.39 -2.67
C ARG A 50 4.57 2.60 -3.94
N ARG A 51 4.61 3.26 -5.10
CA ARG A 51 4.43 2.54 -6.36
C ARG A 51 5.56 1.54 -6.62
N PHE A 52 6.78 1.89 -6.19
CA PHE A 52 7.90 0.94 -6.24
C PHE A 52 7.58 -0.28 -5.36
N HIS A 53 7.20 -0.04 -4.11
CA HIS A 53 6.84 -1.13 -3.22
C HIS A 53 5.74 -2.02 -3.81
N GLU A 54 4.67 -1.40 -4.30
CA GLU A 54 3.57 -2.15 -4.87
C GLU A 54 4.00 -2.99 -6.07
N LEU A 55 4.92 -2.48 -6.88
CA LEU A 55 5.46 -3.25 -8.00
C LEU A 55 6.30 -4.44 -7.50
N VAL A 56 7.10 -4.25 -6.44
CA VAL A 56 7.85 -5.37 -5.83
C VAL A 56 6.87 -6.48 -5.44
N CYS A 57 5.73 -6.10 -4.88
CA CYS A 57 4.70 -7.08 -4.51
C CYS A 57 4.03 -7.69 -5.74
N ALA A 58 3.51 -6.84 -6.63
CA ALA A 58 2.68 -7.29 -7.76
C ALA A 58 3.45 -8.06 -8.82
N SER A 59 4.75 -7.75 -8.96
CA SER A 59 5.63 -8.46 -9.88
C SER A 59 5.93 -9.89 -9.45
N GLY A 60 5.65 -10.19 -8.19
CA GLY A 60 6.04 -11.45 -7.58
C GLY A 60 7.45 -11.46 -7.01
N GLN A 61 8.21 -10.36 -7.13
CA GLN A 61 9.56 -10.36 -6.52
C GLN A 61 9.50 -10.60 -5.02
N ILE A 62 8.45 -10.14 -4.37
CA ILE A 62 8.31 -10.33 -2.92
C ILE A 62 8.42 -11.80 -2.48
N GLU A 63 8.01 -12.72 -3.36
CA GLU A 63 8.11 -14.15 -3.07
C GLU A 63 9.57 -14.64 -2.94
N HIS A 64 10.52 -13.84 -3.42
CA HIS A 64 11.96 -14.16 -3.31
C HIS A 64 12.67 -13.30 -2.27
N LEU A 65 11.93 -12.51 -1.51
CA LEU A 65 12.46 -11.61 -0.49
C LEU A 65 12.03 -12.06 0.90
N THR A 66 12.82 -11.69 1.90
CA THR A 66 12.54 -11.92 3.30
C THR A 66 12.10 -10.60 3.91
N PRO A 67 10.79 -10.44 4.16
CA PRO A 67 10.37 -9.19 4.78
C PRO A 67 11.00 -8.96 6.15
N ILE A 68 11.46 -7.73 6.35
CA ILE A 68 12.12 -7.31 7.56
C ILE A 68 11.34 -6.09 8.09
N ALA A 69 10.88 -6.19 9.32
CA ALA A 69 10.16 -5.08 9.95
C ALA A 69 11.09 -3.96 10.31
N ALA A 70 10.70 -2.74 10.00
CA ALA A 70 11.39 -1.58 10.54
C ALA A 70 11.16 -1.51 12.05
N VAL A 71 12.20 -1.06 12.76
CA VAL A 71 12.13 -0.84 14.21
C VAL A 71 12.54 0.61 14.41
N ALA A 72 11.71 1.38 15.09
CA ALA A 72 11.96 2.81 15.27
C ALA A 72 13.37 3.08 15.80
N ALA A 73 14.09 3.99 15.13
CA ALA A 73 15.40 4.41 15.62
C ALA A 73 15.21 5.11 16.97
N THR A 74 16.04 4.75 17.93
CA THR A 74 16.03 5.39 19.24
C THR A 74 16.78 6.71 19.17
N ASP A 75 16.62 7.51 20.21
CA ASP A 75 17.44 8.71 20.34
C ASP A 75 18.94 8.36 20.23
N ALA A 76 19.36 7.30 20.91
CA ALA A 76 20.77 6.88 20.86
C ALA A 76 21.23 6.54 19.45
N ASP A 77 20.39 5.85 18.68
CA ASP A 77 20.69 5.57 17.27
C ASP A 77 20.86 6.86 16.49
N ILE A 78 19.94 7.80 16.65
CA ILE A 78 19.98 9.06 15.90
C ILE A 78 21.22 9.91 16.27
N LEU A 79 21.56 9.92 17.56
CA LEU A 79 22.69 10.72 18.05
C LEU A 79 24.06 10.23 17.57
N ARG A 80 24.13 9.02 16.99
CA ARG A 80 25.37 8.56 16.36
C ARG A 80 25.66 9.29 15.05
N ALA A 81 24.63 9.92 14.45
CA ALA A 81 24.77 10.70 13.22
C ALA A 81 24.44 12.19 13.34
N HIS A 82 23.67 12.57 14.38
CA HIS A 82 23.11 13.91 14.49
C HIS A 82 23.28 14.52 15.87
N SER A 83 23.14 15.85 15.93
CA SER A 83 23.20 16.57 17.20
C SER A 83 21.90 16.41 18.02
N ALA A 84 22.02 16.56 19.33
CA ALA A 84 20.86 16.63 20.21
C ALA A 84 19.90 17.76 19.83
N ALA A 85 20.45 18.92 19.45
CA ALA A 85 19.62 20.07 19.07
C ALA A 85 18.76 19.77 17.85
N HIS A 86 19.33 19.07 16.87
CA HIS A 86 18.58 18.71 15.67
C HIS A 86 17.41 17.77 16.03
N LEU A 87 17.72 16.75 16.80
CA LEU A 87 16.70 15.80 17.27
C LEU A 87 15.55 16.51 18.02
N GLU A 88 15.86 17.47 18.89
CA GLU A 88 14.81 18.19 19.65
C GLU A 88 13.97 19.10 18.74
N ASN A 89 14.62 19.72 17.76
CA ASN A 89 13.91 20.56 16.78
C ASN A 89 12.92 19.71 15.97
N MET A 90 13.29 18.47 15.63
CA MET A 90 12.35 17.60 14.88
C MET A 90 11.17 17.15 15.74
N LYS A 91 11.43 16.90 17.00
CA LYS A 91 10.33 16.67 17.95
C LYS A 91 9.37 17.88 17.98
N ARG A 92 9.92 19.09 18.00
CA ARG A 92 9.12 20.32 18.04
C ARG A 92 8.22 20.44 16.80
N VAL A 93 8.81 20.28 15.62
CA VAL A 93 8.04 20.43 14.37
C VAL A 93 6.95 19.36 14.27
N SER A 94 7.32 18.12 14.59
CA SER A 94 6.40 16.99 14.57
C SER A 94 5.15 17.15 15.47
N ASN A 95 5.36 17.79 16.61
CA ASN A 95 4.27 18.12 17.54
C ASN A 95 3.28 19.18 17.05
N LEU A 96 3.63 19.96 16.02
CA LEU A 96 2.73 21.00 15.55
C LEU A 96 1.47 20.40 14.95
N PRO A 97 0.33 21.11 15.05
CA PRO A 97 -0.93 20.47 14.63
C PRO A 97 -1.00 20.04 13.16
N THR A 98 -0.35 20.79 12.26
CA THR A 98 -0.27 20.40 10.83
C THR A 98 1.19 20.17 10.42
N GLY A 99 2.07 19.97 11.40
CA GLY A 99 3.51 19.85 11.13
C GLY A 99 4.05 21.17 10.62
N GLY A 100 5.06 21.10 9.76
CA GLY A 100 5.65 22.31 9.22
C GLY A 100 6.98 22.10 8.56
N ASP A 101 7.49 23.17 7.96
CA ASP A 101 8.80 23.12 7.37
C ASP A 101 9.85 22.96 8.46
N THR A 102 10.91 22.20 8.14
CA THR A 102 11.95 21.88 9.12
C THR A 102 13.16 22.81 9.13
N GLY A 103 13.22 23.80 8.21
CA GLY A 103 14.30 24.78 8.23
C GLY A 103 14.65 25.40 6.90
N ASP A 104 14.80 24.57 5.87
CA ASP A 104 15.30 25.05 4.57
C ASP A 104 14.24 25.51 3.57
N GLY A 105 12.96 25.45 3.95
CA GLY A 105 11.87 25.93 3.09
C GLY A 105 11.34 24.94 2.08
N ILE A 106 11.98 23.79 1.92
CA ILE A 106 11.48 22.76 1.00
C ILE A 106 11.30 21.39 1.67
N THR A 107 11.35 21.34 3.01
CA THR A 107 11.39 20.08 3.75
C THR A 107 10.28 20.06 4.80
N MET A 108 9.08 19.70 4.32
CA MET A 108 7.89 19.58 5.14
C MET A 108 7.95 18.26 5.91
N MET A 109 7.54 18.33 7.18
CA MET A 109 7.25 17.15 7.98
C MET A 109 5.83 17.31 8.48
N GLY A 110 5.00 16.30 8.30
CA GLY A 110 3.62 16.34 8.77
C GLY A 110 3.51 16.25 10.28
N ASN A 111 2.30 16.42 10.77
CA ASN A 111 2.00 16.17 12.16
C ASN A 111 2.35 14.72 12.49
N GLY A 112 3.05 14.53 13.61
CA GLY A 112 3.53 13.19 14.00
C GLY A 112 4.66 12.60 13.17
N GLY A 113 5.21 13.38 12.24
CA GLY A 113 6.14 12.88 11.23
C GLY A 113 7.46 12.35 11.75
N LEU A 114 7.81 12.70 12.98
CA LEU A 114 9.02 12.16 13.61
C LEU A 114 8.92 10.65 13.72
N GLU A 115 7.71 10.14 13.94
CA GLU A 115 7.51 8.69 14.02
C GLU A 115 7.98 8.03 12.72
N ILE A 116 7.64 8.66 11.58
CA ILE A 116 8.02 8.11 10.29
C ILE A 116 9.54 8.26 10.07
N ALA A 117 10.09 9.42 10.44
CA ALA A 117 11.53 9.62 10.32
C ALA A 117 12.31 8.58 11.15
N ARG A 118 11.83 8.25 12.36
CA ARG A 118 12.45 7.20 13.16
C ARG A 118 12.35 5.84 12.49
N LEU A 119 11.20 5.53 11.90
CA LEU A 119 11.01 4.27 11.21
C LEU A 119 11.84 4.15 9.93
N SER A 120 12.08 5.28 9.29
CA SER A 120 12.91 5.34 8.09
C SER A 120 14.36 5.02 8.47
N ALA A 121 14.90 5.73 9.45
CA ALA A 121 16.28 5.46 9.89
C ALA A 121 16.39 4.07 10.49
N GLY A 122 15.36 3.69 11.25
CA GLY A 122 15.31 2.38 11.87
C GLY A 122 15.22 1.22 10.90
N GLY A 123 14.58 1.43 9.75
CA GLY A 123 14.55 0.43 8.70
C GLY A 123 15.94 0.15 8.17
N ALA A 124 16.72 1.21 7.97
CA ALA A 124 18.11 1.09 7.54
C ALA A 124 18.96 0.36 8.59
N VAL A 125 18.77 0.73 9.86
CA VAL A 125 19.52 0.09 10.96
C VAL A 125 19.21 -1.40 11.07
N GLU A 126 17.92 -1.74 11.04
N GLU A 126 17.92 -1.72 11.03
CA GLU A 126 17.49 -3.13 11.17
CA GLU A 126 17.50 -3.09 11.19
C GLU A 126 18.03 -4.00 10.05
C GLU A 126 17.98 -4.00 10.05
N LEU A 127 17.94 -3.49 8.81
CA LEU A 127 18.47 -4.26 7.68
C LEU A 127 19.99 -4.44 7.80
N THR A 128 20.67 -3.38 8.25
CA THR A 128 22.12 -3.41 8.47
C THR A 128 22.52 -4.46 9.48
N ARG A 129 21.83 -4.47 10.62
CA ARG A 129 22.06 -5.48 11.67
C ARG A 129 21.93 -6.90 11.12
N ARG A 130 20.87 -7.14 10.37
CA ARG A 130 20.51 -8.49 9.99
C ARG A 130 21.31 -9.01 8.81
N VAL A 131 21.85 -8.09 8.01
CA VAL A 131 22.86 -8.45 7.01
C VAL A 131 24.21 -8.69 7.68
N ALA A 132 24.60 -7.81 8.60
CA ALA A 132 25.93 -7.94 9.26
C ALA A 132 26.11 -9.27 10.00
N THR A 133 25.04 -9.77 10.63
CA THR A 133 25.09 -11.04 11.36
C THR A 133 25.24 -12.27 10.44
N GLY A 134 24.82 -12.14 9.20
CA GLY A 134 24.77 -13.22 8.25
C GLY A 134 23.43 -13.92 8.16
N GLU A 135 22.44 -13.46 8.94
CA GLU A 135 21.06 -13.91 8.74
C GLU A 135 20.63 -13.72 7.28
N LEU A 136 20.96 -12.55 6.76
CA LEU A 136 20.68 -12.16 5.39
C LEU A 136 22.01 -11.94 4.67
N SER A 137 22.03 -12.26 3.37
CA SER A 137 23.21 -12.01 2.56
C SER A 137 23.27 -10.57 2.06
N ALA A 138 22.10 -9.95 1.87
CA ALA A 138 22.01 -8.56 1.40
C ALA A 138 20.58 -8.11 1.58
N GLY A 139 20.28 -6.88 1.20
CA GLY A 139 18.90 -6.42 1.24
C GLY A 139 18.65 -5.05 0.69
N TYR A 140 17.36 -4.70 0.61
CA TYR A 140 16.92 -3.37 0.16
C TYR A 140 15.93 -2.80 1.17
N ALA A 141 16.26 -1.63 1.73
CA ALA A 141 15.40 -0.92 2.65
C ALA A 141 14.73 0.22 1.88
N LEU A 142 13.45 0.03 1.56
CA LEU A 142 12.70 0.99 0.76
C LEU A 142 12.05 1.98 1.71
N VAL A 143 12.88 2.87 2.25
CA VAL A 143 12.47 3.80 3.28
C VAL A 143 12.07 5.16 2.70
N ASN A 144 11.39 5.94 3.53
CA ASN A 144 10.97 7.30 3.20
C ASN A 144 10.57 7.92 4.54
N PRO A 145 10.99 9.13 4.91
CA PRO A 145 11.76 10.08 4.11
C PRO A 145 13.23 9.69 3.85
N PRO A 146 13.83 10.32 2.82
CA PRO A 146 15.23 10.09 2.46
C PRO A 146 16.17 10.74 3.47
N GLY A 147 17.48 10.54 3.27
CA GLY A 147 18.44 10.89 4.27
C GLY A 147 19.65 11.73 3.90
N HIS A 148 20.17 11.59 2.69
CA HIS A 148 21.58 11.95 2.46
C HIS A 148 21.90 13.43 2.50
N HIS A 149 20.90 14.31 2.39
CA HIS A 149 21.14 15.75 2.52
C HIS A 149 21.22 16.25 3.96
N ALA A 150 20.77 15.44 4.94
CA ALA A 150 20.72 15.88 6.32
C ALA A 150 22.12 15.82 6.92
N PRO A 151 22.71 16.98 7.24
CA PRO A 151 24.03 16.94 7.90
C PRO A 151 23.89 16.71 9.39
N HIS A 152 24.99 16.78 10.12
CA HIS A 152 24.94 16.49 11.55
C HIS A 152 23.86 17.32 12.31
N ASN A 153 23.77 18.61 12.01
N ASN A 153 23.78 18.61 11.97
CA ASN A 153 22.97 19.55 12.82
CA ASN A 153 23.02 19.58 12.77
C ASN A 153 21.69 20.08 12.18
C ASN A 153 21.69 20.07 12.19
N ALA A 154 21.19 19.45 11.12
CA ALA A 154 19.98 19.95 10.46
C ALA A 154 19.28 18.93 9.60
N ALA A 155 18.02 19.24 9.29
CA ALA A 155 17.29 18.66 8.18
C ALA A 155 17.52 19.51 6.95
N MET A 156 17.49 18.87 5.78
CA MET A 156 17.69 19.58 4.51
C MET A 156 17.21 18.75 3.33
N GLY A 157 16.70 19.39 2.29
CA GLY A 157 16.42 18.71 1.02
C GLY A 157 15.56 17.46 1.13
N PHE A 158 14.42 17.58 1.80
CA PHE A 158 13.46 16.49 2.00
C PHE A 158 13.93 15.46 3.07
N CYS A 159 15.12 15.65 3.68
CA CYS A 159 15.73 14.66 4.56
C CYS A 159 15.68 15.11 6.01
N ILE A 160 15.14 14.26 6.90
CA ILE A 160 15.03 14.60 8.31
C ILE A 160 16.25 14.08 9.09
N PHE A 161 16.50 12.78 8.96
CA PHE A 161 17.70 12.14 9.49
C PHE A 161 18.43 11.46 8.35
N ASN A 162 19.73 11.36 8.50
CA ASN A 162 20.59 10.75 7.51
C ASN A 162 20.60 9.23 7.73
N ASN A 163 19.68 8.55 7.08
CA ASN A 163 19.41 7.14 7.31
C ASN A 163 20.66 6.28 7.15
N THR A 164 21.42 6.51 6.08
CA THR A 164 22.59 5.67 5.85
C THR A 164 23.66 5.95 6.90
N SER A 165 23.74 7.18 7.39
CA SER A 165 24.73 7.52 8.41
C SER A 165 24.30 7.00 9.78
N VAL A 166 23.00 6.98 10.05
CA VAL A 166 22.53 6.31 11.27
C VAL A 166 22.89 4.82 11.21
N ALA A 167 22.72 4.19 10.05
CA ALA A 167 23.09 2.79 9.87
C ALA A 167 24.61 2.59 10.00
N ALA A 168 25.39 3.47 9.38
CA ALA A 168 26.85 3.38 9.50
C ALA A 168 27.32 3.55 10.94
N GLY A 169 26.74 4.51 11.63
CA GLY A 169 27.06 4.75 13.04
C GLY A 169 26.75 3.56 13.91
N TYR A 170 25.67 2.86 13.61
CA TYR A 170 25.32 1.62 14.30
C TYR A 170 26.36 0.54 13.99
N ALA A 171 26.71 0.38 12.71
CA ALA A 171 27.70 -0.62 12.33
C ALA A 171 29.05 -0.36 13.01
N ARG A 172 29.44 0.91 13.13
CA ARG A 172 30.67 1.31 13.86
C ARG A 172 30.59 1.07 15.38
N ALA A 173 29.60 1.69 16.03
CA ALA A 173 29.54 1.70 17.50
C ALA A 173 28.99 0.43 18.13
N VAL A 174 27.97 -0.16 17.52
CA VAL A 174 27.29 -1.31 18.08
C VAL A 174 27.92 -2.62 17.54
N LEU A 175 28.18 -2.67 16.24
CA LEU A 175 28.77 -3.88 15.65
C LEU A 175 30.30 -3.87 15.62
N GLY A 176 30.92 -2.75 15.98
CA GLY A 176 32.39 -2.68 16.09
C GLY A 176 33.14 -2.79 14.76
N MET A 177 32.47 -2.47 13.65
CA MET A 177 33.16 -2.45 12.35
C MET A 177 34.13 -1.30 12.32
N GLU A 178 35.32 -1.54 11.77
CA GLU A 178 36.36 -0.54 11.69
C GLU A 178 36.28 0.27 10.41
N ARG A 179 35.71 -0.31 9.35
CA ARG A 179 35.58 0.33 8.03
C ARG A 179 34.19 0.09 7.42
N VAL A 180 33.49 1.16 7.12
CA VAL A 180 32.18 1.13 6.46
C VAL A 180 32.28 2.07 5.26
N ALA A 181 31.62 1.74 4.16
CA ALA A 181 31.54 2.66 3.00
C ALA A 181 30.09 2.97 2.72
N ILE A 182 29.81 4.24 2.43
CA ILE A 182 28.50 4.68 1.92
C ILE A 182 28.72 5.13 0.46
N LEU A 183 28.10 4.39 -0.47
CA LEU A 183 28.11 4.71 -1.90
C LEU A 183 26.76 5.33 -2.27
N ASP A 184 26.76 6.61 -2.55
CA ASP A 184 25.52 7.35 -2.83
C ASP A 184 25.45 7.61 -4.35
N TRP A 185 24.47 6.99 -5.02
CA TRP A 185 24.22 7.30 -6.44
C TRP A 185 22.91 8.01 -6.69
N ASP A 186 22.30 8.54 -5.64
CA ASP A 186 21.26 9.56 -5.83
C ASP A 186 21.91 10.66 -6.70
N VAL A 187 21.15 11.24 -7.61
CA VAL A 187 21.67 12.24 -8.53
C VAL A 187 22.11 13.56 -7.88
N HIS A 188 21.65 13.79 -6.64
CA HIS A 188 22.02 14.99 -5.88
C HIS A 188 23.19 14.68 -4.97
N HIS A 189 24.04 15.67 -4.75
CA HIS A 189 25.19 15.51 -3.85
C HIS A 189 24.79 15.10 -2.44
N GLY A 190 25.44 14.05 -1.92
CA GLY A 190 25.22 13.60 -0.54
C GLY A 190 25.96 14.49 0.46
N ASN A 191 25.59 15.76 0.50
CA ASN A 191 26.27 16.75 1.36
C ASN A 191 26.16 16.44 2.85
N GLY A 192 25.03 15.87 3.26
CA GLY A 192 24.81 15.56 4.66
C GLY A 192 25.76 14.46 5.11
N THR A 193 25.84 13.41 4.32
CA THR A 193 26.73 12.30 4.62
C THR A 193 28.19 12.75 4.63
N GLN A 194 28.53 13.56 3.64
CA GLN A 194 29.85 14.16 3.56
C GLN A 194 30.19 14.92 4.87
N ASP A 195 29.26 15.76 5.31
CA ASP A 195 29.43 16.55 6.55
C ASP A 195 29.64 15.68 7.79
N ILE A 196 28.81 14.66 7.94
CA ILE A 196 28.79 13.87 9.16
C ILE A 196 30.13 13.17 9.35
N TRP A 197 30.68 12.61 8.27
CA TRP A 197 31.90 11.82 8.36
C TRP A 197 33.16 12.55 7.86
N TRP A 198 33.06 13.87 7.73
CA TRP A 198 34.11 14.71 7.13
C TRP A 198 35.50 14.46 7.71
N ASN A 199 35.58 14.37 9.03
CA ASN A 199 36.86 14.20 9.72
C ASN A 199 37.20 12.74 10.05
N ASP A 200 36.46 11.80 9.46
CA ASP A 200 36.47 10.42 9.92
C ASP A 200 36.84 9.42 8.83
N PRO A 201 38.02 8.79 8.93
CA PRO A 201 38.39 7.83 7.89
C PRO A 201 37.73 6.46 8.01
N SER A 202 36.95 6.22 9.06
CA SER A 202 36.31 4.92 9.26
C SER A 202 35.00 4.75 8.51
N VAL A 203 34.52 5.83 7.87
CA VAL A 203 33.38 5.75 6.96
C VAL A 203 33.77 6.46 5.68
N LEU A 204 34.08 5.68 4.65
CA LEU A 204 34.37 6.21 3.33
C LEU A 204 33.06 6.65 2.69
N THR A 205 32.99 7.92 2.31
CA THR A 205 31.77 8.48 1.74
C THR A 205 32.02 8.83 0.28
N ILE A 206 31.21 8.26 -0.61
CA ILE A 206 31.33 8.44 -2.05
C ILE A 206 29.99 8.96 -2.56
N SER A 207 30.04 10.01 -3.37
CA SER A 207 28.84 10.57 -3.99
C SER A 207 29.02 10.77 -5.48
N LEU A 208 28.28 10.00 -6.28
CA LEU A 208 28.20 10.18 -7.74
C LEU A 208 26.95 11.01 -8.00
N HIS A 209 27.06 12.17 -8.64
CA HIS A 209 25.93 13.12 -8.72
C HIS A 209 26.08 14.07 -9.88
N GLN A 210 24.96 14.71 -10.26
CA GLN A 210 25.00 15.79 -11.23
C GLN A 210 25.60 17.02 -10.57
N HIS A 211 26.65 17.57 -11.19
CA HIS A 211 27.36 18.71 -10.65
C HIS A 211 26.45 19.92 -10.40
N LEU A 212 26.39 20.34 -9.13
CA LEU A 212 25.69 21.53 -8.69
C LEU A 212 24.16 21.47 -8.83
N CYS A 213 23.62 20.26 -8.93
CA CYS A 213 22.17 20.11 -9.05
C CYS A 213 21.49 20.46 -7.72
N PHE A 214 21.88 19.80 -6.64
CA PHE A 214 21.46 20.22 -5.29
C PHE A 214 22.37 19.54 -4.25
N PRO A 215 22.97 20.25 -3.30
CA PRO A 215 22.87 21.70 -3.10
C PRO A 215 23.65 22.49 -4.16
N PRO A 216 23.40 23.80 -4.25
CA PRO A 216 24.02 24.64 -5.31
C PRO A 216 25.53 24.91 -5.23
N ASP A 217 26.15 24.63 -4.11
CA ASP A 217 27.52 25.10 -3.88
C ASP A 217 28.40 24.00 -3.30
N SER A 218 28.09 22.72 -3.57
CA SER A 218 28.83 21.62 -2.99
C SER A 218 28.93 20.45 -3.95
N GLY A 219 29.76 19.49 -3.59
CA GLY A 219 29.99 18.28 -4.35
C GLY A 219 31.18 18.35 -5.29
N TYR A 220 31.99 19.40 -5.17
CA TYR A 220 33.21 19.55 -5.94
C TYR A 220 34.20 18.46 -5.55
N SER A 221 35.03 18.07 -6.52
CA SER A 221 36.09 17.06 -6.33
C SER A 221 37.12 17.44 -5.27
N THR A 222 37.24 18.75 -4.99
CA THR A 222 38.17 19.27 -4.00
C THR A 222 37.69 19.10 -2.54
N GLU A 223 36.45 18.67 -2.35
CA GLU A 223 35.92 18.37 -1.02
C GLU A 223 36.31 16.94 -0.68
N ARG A 224 37.37 16.79 0.12
CA ARG A 224 38.02 15.50 0.33
C ARG A 224 38.12 15.07 1.79
N GLY A 225 37.43 15.77 2.67
CA GLY A 225 37.54 15.50 4.10
C GLY A 225 38.62 16.33 4.78
N ALA A 226 38.83 16.08 6.06
CA ALA A 226 39.83 16.83 6.81
C ALA A 226 40.42 15.99 7.93
N GLY A 227 41.57 16.42 8.41
CA GLY A 227 42.29 15.69 9.46
C GLY A 227 42.55 14.26 9.04
N ASN A 228 42.33 13.30 9.94
CA ASN A 228 42.55 11.87 9.61
C ASN A 228 41.58 11.37 8.55
N GLY A 229 40.48 12.10 8.36
CA GLY A 229 39.56 11.81 7.27
C GLY A 229 39.91 12.35 5.90
N HIS A 230 41.02 13.09 5.78
CA HIS A 230 41.40 13.61 4.49
C HIS A 230 41.71 12.45 3.54
N GLY A 231 41.04 12.46 2.40
CA GLY A 231 41.12 11.39 1.41
C GLY A 231 39.99 10.37 1.48
N TYR A 232 39.12 10.48 2.48
CA TYR A 232 38.08 9.49 2.74
C TYR A 232 36.66 10.04 2.43
N ASN A 233 36.60 11.10 1.63
CA ASN A 233 35.37 11.56 0.99
C ASN A 233 35.69 11.74 -0.49
N ILE A 234 34.90 11.13 -1.36
CA ILE A 234 35.12 11.15 -2.80
C ILE A 234 33.85 11.62 -3.50
N ASN A 235 33.91 12.80 -4.10
CA ASN A 235 32.82 13.33 -4.93
C ASN A 235 33.12 13.07 -6.39
N VAL A 236 32.11 12.62 -7.13
CA VAL A 236 32.22 12.37 -8.58
C VAL A 236 31.12 13.19 -9.27
N PRO A 237 31.33 14.51 -9.40
CA PRO A 237 30.34 15.33 -10.09
C PRO A 237 30.38 15.08 -11.58
N LEU A 238 29.20 14.85 -12.18
CA LEU A 238 29.06 14.59 -13.60
C LEU A 238 28.24 15.68 -14.27
N PRO A 239 28.44 15.88 -15.58
CA PRO A 239 27.67 16.94 -16.24
C PRO A 239 26.22 16.55 -16.52
N PRO A 240 25.34 17.55 -16.58
CA PRO A 240 23.97 17.28 -17.03
C PRO A 240 23.94 16.53 -18.37
N GLY A 241 22.98 15.63 -18.51
CA GLY A 241 22.85 14.82 -19.70
C GLY A 241 23.64 13.53 -19.71
N SER A 242 24.38 13.25 -18.63
CA SER A 242 25.13 12.01 -18.52
C SER A 242 24.16 10.85 -18.44
N GLY A 243 24.44 9.75 -19.13
CA GLY A 243 23.59 8.57 -19.13
C GLY A 243 24.31 7.31 -18.71
N ASN A 244 23.85 6.17 -19.21
CA ASN A 244 24.37 4.88 -18.75
C ASN A 244 25.87 4.76 -18.98
N ALA A 245 26.37 5.25 -20.12
CA ALA A 245 27.79 5.10 -20.41
C ALA A 245 28.65 5.83 -19.39
N ALA A 246 28.30 7.08 -19.07
CA ALA A 246 29.01 7.82 -18.04
C ALA A 246 28.92 7.15 -16.68
N TYR A 247 27.72 6.77 -16.29
CA TYR A 247 27.53 6.15 -14.96
C TYR A 247 28.34 4.87 -14.82
N LEU A 248 28.33 4.04 -15.85
CA LEU A 248 29.08 2.78 -15.78
C LEU A 248 30.59 3.02 -15.84
N HIS A 249 31.02 4.03 -16.59
CA HIS A 249 32.44 4.38 -16.59
C HIS A 249 32.87 4.90 -15.23
N ALA A 250 32.01 5.68 -14.56
CA ALA A 250 32.29 6.13 -13.19
C ALA A 250 32.40 4.96 -12.23
N MET A 251 31.51 3.99 -12.37
CA MET A 251 31.58 2.79 -11.53
C MET A 251 32.90 2.06 -11.73
N ASP A 252 33.27 1.83 -12.97
CA ASP A 252 34.46 1.04 -13.29
C ASP A 252 35.78 1.74 -12.98
N GLN A 253 35.84 3.04 -13.23
CA GLN A 253 37.07 3.80 -13.07
C GLN A 253 37.30 4.36 -11.68
N VAL A 254 36.23 4.68 -10.95
CA VAL A 254 36.35 5.37 -9.67
C VAL A 254 35.70 4.61 -8.53
N VAL A 255 34.41 4.32 -8.64
CA VAL A 255 33.65 3.85 -7.48
C VAL A 255 34.12 2.46 -7.00
N LEU A 256 34.17 1.50 -7.91
CA LEU A 256 34.57 0.15 -7.56
C LEU A 256 36.04 0.07 -7.15
N PRO A 257 36.94 0.76 -7.87
CA PRO A 257 38.32 0.80 -7.41
C PRO A 257 38.47 1.42 -6.01
N ALA A 258 37.68 2.43 -5.67
CA ALA A 258 37.73 3.04 -4.34
C ALA A 258 37.32 2.02 -3.26
N LEU A 259 36.24 1.29 -3.52
CA LEU A 259 35.78 0.28 -2.57
C LEU A 259 36.83 -0.82 -2.41
N ARG A 260 37.40 -1.27 -3.52
CA ARG A 260 38.46 -2.29 -3.47
C ARG A 260 39.65 -1.81 -2.66
N ALA A 261 40.04 -0.55 -2.84
CA ALA A 261 41.17 0.02 -2.09
C ALA A 261 40.89 0.09 -0.59
N TYR A 262 39.65 0.43 -0.24
CA TYR A 262 39.28 0.71 1.13
C TYR A 262 38.99 -0.55 1.93
N ARG A 263 38.51 -1.61 1.25
CA ARG A 263 38.17 -2.87 1.91
C ARG A 263 37.15 -2.67 3.06
N PRO A 264 36.00 -2.05 2.75
CA PRO A 264 34.99 -1.91 3.79
C PRO A 264 34.46 -3.26 4.25
N GLN A 265 34.08 -3.33 5.52
CA GLN A 265 33.43 -4.53 6.07
C GLN A 265 31.93 -4.58 5.73
N LEU A 266 31.38 -3.44 5.35
CA LEU A 266 29.98 -3.27 4.94
C LEU A 266 29.91 -2.12 3.92
N ILE A 267 29.14 -2.31 2.87
CA ILE A 267 28.84 -1.27 1.89
C ILE A 267 27.36 -0.94 2.04
N ILE A 268 27.07 0.34 2.28
CA ILE A 268 25.72 0.84 2.33
C ILE A 268 25.53 1.68 1.05
N VAL A 269 24.57 1.31 0.21
CA VAL A 269 24.29 2.05 -1.03
C VAL A 269 23.13 3.03 -0.77
N GLY A 270 23.38 4.32 -0.93
CA GLY A 270 22.33 5.33 -0.98
C GLY A 270 21.73 5.28 -2.36
N SER A 271 20.66 4.50 -2.48
CA SER A 271 20.09 4.12 -3.75
C SER A 271 18.95 5.04 -4.12
N GLY A 272 19.28 6.15 -4.76
CA GLY A 272 18.26 7.00 -5.37
C GLY A 272 18.10 6.65 -6.85
N PHE A 273 16.95 6.99 -7.41
CA PHE A 273 16.70 6.80 -8.85
C PHE A 273 16.37 8.08 -9.57
N ASP A 274 16.76 9.20 -8.99
CA ASP A 274 16.54 10.49 -9.61
C ASP A 274 17.54 10.84 -10.73
N ALA A 275 18.51 9.96 -10.99
CA ALA A 275 19.30 10.03 -12.21
C ALA A 275 18.58 9.45 -13.42
N SER A 276 17.35 8.97 -13.25
CA SER A 276 16.64 8.37 -14.36
C SER A 276 16.31 9.37 -15.46
N MET A 277 16.13 8.81 -16.64
CA MET A 277 15.82 9.55 -17.86
C MET A 277 14.56 10.43 -17.75
N LEU A 278 13.62 10.04 -16.88
CA LEU A 278 12.34 10.76 -16.76
C LEU A 278 12.16 11.55 -15.45
N ASP A 279 13.26 11.79 -14.72
CA ASP A 279 13.10 12.48 -13.45
C ASP A 279 12.97 14.00 -13.63
N PRO A 280 12.02 14.62 -12.95
CA PRO A 280 11.91 16.09 -13.00
C PRO A 280 13.00 16.85 -12.26
N LEU A 281 13.67 16.22 -11.28
CA LEU A 281 14.57 16.97 -10.40
C LEU A 281 16.06 16.81 -10.69
N ALA A 282 16.36 16.21 -11.84
CA ALA A 282 17.72 16.26 -12.41
C ALA A 282 17.66 16.03 -13.90
N ARG A 283 18.82 16.14 -14.54
CA ARG A 283 18.92 16.15 -16.01
C ARG A 283 19.74 14.97 -16.54
N MET A 284 19.73 13.84 -15.84
CA MET A 284 20.51 12.67 -16.28
C MET A 284 19.64 11.66 -17.05
N MET A 285 20.32 10.68 -17.64
CA MET A 285 19.73 9.81 -18.65
C MET A 285 19.86 8.32 -18.35
N VAL A 286 19.91 7.97 -17.07
CA VAL A 286 20.07 6.58 -16.69
C VAL A 286 18.73 5.86 -16.89
N THR A 287 18.78 4.64 -17.43
CA THR A 287 17.59 3.83 -17.60
C THR A 287 17.61 2.71 -16.57
N ALA A 288 16.51 1.96 -16.49
CA ALA A 288 16.45 0.83 -15.57
C ALA A 288 17.57 -0.17 -15.84
N ASP A 289 17.92 -0.36 -17.10
CA ASP A 289 19.04 -1.23 -17.44
C ASP A 289 20.38 -0.68 -16.93
N GLY A 290 20.56 0.63 -16.93
CA GLY A 290 21.72 1.26 -16.30
C GLY A 290 21.81 0.99 -14.81
N PHE A 291 20.71 1.23 -14.10
CA PHE A 291 20.68 0.95 -12.67
C PHE A 291 20.91 -0.53 -12.40
N ARG A 292 20.37 -1.40 -13.26
CA ARG A 292 20.60 -2.83 -13.13
C ARG A 292 22.08 -3.18 -13.16
N GLN A 293 22.78 -2.61 -14.15
CA GLN A 293 24.21 -2.88 -14.32
C GLN A 293 25.02 -2.31 -13.16
N MET A 294 24.62 -1.13 -12.70
CA MET A 294 25.25 -0.51 -11.51
C MET A 294 25.12 -1.39 -10.26
N ALA A 295 23.93 -1.93 -10.04
CA ALA A 295 23.67 -2.81 -8.90
C ALA A 295 24.42 -4.12 -9.02
N ARG A 296 24.38 -4.73 -10.21
CA ARG A 296 25.11 -5.99 -10.44
C ARG A 296 26.59 -5.81 -10.10
N ARG A 297 27.20 -4.76 -10.64
CA ARG A 297 28.62 -4.48 -10.37
C ARG A 297 28.94 -4.30 -8.89
N THR A 298 28.07 -3.58 -8.19
CA THR A 298 28.33 -3.26 -6.79
C THR A 298 28.15 -4.50 -5.89
N ILE A 299 27.13 -5.29 -6.17
CA ILE A 299 26.88 -6.54 -5.43
C ILE A 299 28.05 -7.51 -5.64
N ASP A 300 28.53 -7.61 -6.87
CA ASP A 300 29.65 -8.49 -7.20
C ASP A 300 30.95 -8.00 -6.57
N CYS A 301 31.14 -6.68 -6.47
CA CYS A 301 32.24 -6.10 -5.73
C CYS A 301 32.22 -6.50 -4.25
N ALA A 302 31.07 -6.32 -3.59
CA ALA A 302 30.94 -6.72 -2.18
C ALA A 302 31.25 -8.21 -1.99
N ALA A 303 30.82 -9.05 -2.95
CA ALA A 303 31.08 -10.48 -2.89
C ALA A 303 32.59 -10.77 -2.88
N ASP A 304 33.37 -9.94 -3.58
CA ASP A 304 34.84 -10.07 -3.68
C ASP A 304 35.59 -9.46 -2.48
N ILE A 305 34.93 -8.58 -1.71
CA ILE A 305 35.62 -7.85 -0.62
C ILE A 305 35.07 -7.78 0.80
N CYS A 306 33.77 -7.91 0.98
CA CYS A 306 33.18 -7.92 2.33
C CYS A 306 32.13 -9.00 2.45
N ASP A 307 32.47 -10.20 1.99
N ASP A 307 32.47 -10.18 1.95
CA ASP A 307 31.61 -11.39 2.06
CA ASP A 307 31.66 -11.38 2.07
C ASP A 307 30.15 -11.15 1.66
C ASP A 307 30.18 -11.15 1.67
N GLY A 308 29.95 -10.31 0.65
CA GLY A 308 28.60 -9.95 0.19
C GLY A 308 27.75 -9.01 1.07
N ARG A 309 28.34 -8.47 2.14
N ARG A 309 28.36 -8.46 2.13
CA ARG A 309 27.62 -7.57 3.04
CA ARG A 309 27.73 -7.50 3.05
C ARG A 309 27.43 -6.21 2.39
C ARG A 309 27.45 -6.18 2.35
N ILE A 310 26.28 -6.11 1.75
CA ILE A 310 25.86 -4.92 1.08
C ILE A 310 24.39 -4.70 1.45
N VAL A 311 24.06 -3.44 1.73
N VAL A 311 24.06 -3.45 1.78
CA VAL A 311 22.73 -3.00 2.15
CA VAL A 311 22.69 -3.07 2.07
C VAL A 311 22.35 -1.81 1.27
C VAL A 311 22.37 -1.85 1.23
N PHE A 312 21.22 -1.90 0.57
CA PHE A 312 20.71 -0.77 -0.23
C PHE A 312 19.67 -0.04 0.60
N VAL A 313 19.72 1.30 0.60
CA VAL A 313 18.78 2.14 1.34
C VAL A 313 18.26 3.20 0.38
N GLN A 314 16.96 3.25 0.19
CA GLN A 314 16.34 4.22 -0.73
C GLN A 314 16.67 5.67 -0.39
N GLU A 315 17.07 6.42 -1.40
CA GLU A 315 17.21 7.87 -1.32
C GLU A 315 16.11 8.48 -2.21
N GLY A 316 16.46 9.35 -3.16
CA GLY A 316 15.45 10.08 -3.92
C GLY A 316 15.01 9.38 -5.17
N GLY A 317 14.34 10.16 -5.99
CA GLY A 317 13.66 9.68 -7.20
C GLY A 317 12.23 10.17 -7.22
N TYR A 318 11.85 10.78 -8.35
CA TYR A 318 10.64 11.60 -8.43
C TYR A 318 9.73 11.32 -9.61
N SER A 319 10.00 10.23 -10.33
CA SER A 319 9.08 9.80 -11.39
C SER A 319 8.17 8.68 -10.89
N PRO A 320 6.92 8.99 -10.55
CA PRO A 320 6.04 7.88 -10.16
C PRO A 320 5.82 6.87 -11.28
N HIS A 321 5.98 7.32 -12.53
CA HIS A 321 5.83 6.47 -13.70
C HIS A 321 6.97 5.45 -13.82
N TYR A 322 8.21 5.95 -13.75
CA TYR A 322 9.37 5.13 -14.10
C TYR A 322 10.20 4.62 -12.94
N LEU A 323 10.24 5.35 -11.83
CA LEU A 323 11.03 4.89 -10.69
C LEU A 323 10.75 3.44 -10.30
N PRO A 324 9.46 3.02 -10.30
CA PRO A 324 9.23 1.63 -9.91
C PRO A 324 10.02 0.60 -10.73
N PHE A 325 10.18 0.82 -12.02
CA PHE A 325 10.93 -0.12 -12.86
C PHE A 325 12.44 0.00 -12.64
N CYS A 326 12.92 1.18 -12.28
CA CYS A 326 14.36 1.33 -11.95
C CYS A 326 14.68 0.58 -10.67
N GLY A 327 13.82 0.74 -9.68
CA GLY A 327 13.95 0.04 -8.41
C GLY A 327 13.78 -1.46 -8.54
N LEU A 328 12.81 -1.89 -9.34
CA LEU A 328 12.62 -3.32 -9.54
C LEU A 328 13.85 -3.98 -10.16
N ALA A 329 14.52 -3.29 -11.08
CA ALA A 329 15.72 -3.81 -11.68
C ALA A 329 16.80 -4.11 -10.62
N VAL A 330 16.95 -3.21 -9.66
CA VAL A 330 17.93 -3.41 -8.57
C VAL A 330 17.53 -4.60 -7.68
N ILE A 331 16.25 -4.67 -7.35
CA ILE A 331 15.76 -5.81 -6.54
C ILE A 331 16.02 -7.13 -7.25
N GLU A 332 15.75 -7.17 -8.55
CA GLU A 332 16.01 -8.37 -9.36
C GLU A 332 17.48 -8.81 -9.35
N GLU A 333 18.40 -7.84 -9.32
CA GLU A 333 19.81 -8.16 -9.22
C GLU A 333 20.20 -8.75 -7.87
N LEU A 334 19.48 -8.33 -6.84
CA LEU A 334 19.66 -8.94 -5.53
C LEU A 334 19.11 -10.36 -5.47
N THR A 335 17.92 -10.59 -6.00
CA THR A 335 17.30 -11.92 -5.92
C THR A 335 17.83 -12.88 -6.99
N GLY A 336 18.29 -12.32 -8.11
CA GLY A 336 18.66 -13.13 -9.27
C GLY A 336 17.50 -13.68 -10.06
N VAL A 337 16.29 -13.18 -9.81
CA VAL A 337 15.09 -13.60 -10.50
C VAL A 337 14.63 -12.45 -11.38
N ARG A 338 14.82 -12.59 -12.69
CA ARG A 338 14.62 -11.50 -13.65
C ARG A 338 13.37 -11.79 -14.48
N SER A 339 12.21 -11.41 -13.93
CA SER A 339 10.91 -11.91 -14.38
C SER A 339 9.94 -10.87 -14.98
N LEU A 340 10.37 -9.62 -15.10
CA LEU A 340 9.54 -8.59 -15.73
C LEU A 340 10.41 -7.65 -16.57
N PRO A 341 9.98 -7.35 -17.80
CA PRO A 341 10.72 -6.37 -18.57
C PRO A 341 10.47 -4.94 -18.10
N ASP A 342 11.38 -4.05 -18.44
CA ASP A 342 11.15 -2.62 -18.35
C ASP A 342 10.29 -2.23 -19.56
N PRO A 343 9.01 -1.85 -19.35
CA PRO A 343 8.16 -1.56 -20.51
C PRO A 343 8.53 -0.26 -21.24
N TYR A 344 9.36 0.57 -20.63
CA TYR A 344 9.84 1.80 -21.25
C TYR A 344 11.17 1.59 -21.99
N HIS A 345 11.70 0.37 -22.00
CA HIS A 345 13.09 0.19 -22.47
C HIS A 345 13.33 0.74 -23.87
N GLU A 346 12.54 0.29 -24.83
CA GLU A 346 12.69 0.73 -26.23
C GLU A 346 12.42 2.23 -26.39
N PHE A 347 11.40 2.72 -25.71
CA PHE A 347 11.04 4.15 -25.76
C PHE A 347 12.20 5.05 -25.31
N LEU A 348 12.90 4.65 -24.25
CA LEU A 348 14.00 5.46 -23.70
C LEU A 348 15.37 5.17 -24.32
N ALA A 349 15.58 3.94 -24.79
CA ALA A 349 16.89 3.53 -25.34
C ALA A 349 17.29 4.35 -26.56
N GLY A 350 16.30 4.81 -27.33
CA GLY A 350 16.55 5.69 -28.47
C GLY A 350 16.97 7.12 -28.16
N MET A 351 16.78 7.57 -26.91
CA MET A 351 17.08 8.97 -26.55
C MET A 351 18.56 9.24 -26.33
N GLY A 352 19.37 8.21 -26.09
CA GLY A 352 20.82 8.35 -25.94
C GLY A 352 21.34 8.25 -24.52
N GLY A 353 22.53 8.80 -24.32
CA GLY A 353 23.28 8.60 -23.06
C GLY A 353 24.15 7.36 -23.06
N ASN A 354 24.00 6.57 -24.12
CA ASN A 354 24.66 5.28 -24.31
C ASN A 354 26.10 5.36 -24.85
N THR A 355 26.58 6.55 -25.22
CA THR A 355 27.99 6.75 -25.61
C THR A 355 28.69 7.71 -24.66
N LEU A 356 29.90 7.34 -24.22
CA LEU A 356 30.65 8.15 -23.29
C LEU A 356 31.18 9.37 -24.01
N LEU A 357 30.70 10.54 -23.64
CA LEU A 357 31.13 11.79 -24.25
C LEU A 357 32.45 12.26 -23.62
N ASP A 358 33.24 13.03 -24.36
CA ASP A 358 34.54 13.48 -23.85
C ASP A 358 34.40 14.24 -22.53
N ALA A 359 33.40 15.11 -22.39
CA ALA A 359 33.26 15.90 -21.17
C ALA A 359 32.93 15.00 -19.96
N GLU A 360 32.14 13.96 -20.20
CA GLU A 360 31.76 12.98 -19.19
C GLU A 360 33.00 12.19 -18.75
N ARG A 361 33.74 11.69 -19.74
CA ARG A 361 35.00 10.96 -19.49
C ARG A 361 35.95 11.82 -18.65
N ALA A 362 36.11 13.08 -19.02
CA ALA A 362 37.06 13.96 -18.33
C ALA A 362 36.62 14.24 -16.89
N ALA A 363 35.32 14.42 -16.67
CA ALA A 363 34.82 14.61 -15.31
C ALA A 363 35.17 13.44 -14.39
N ILE A 364 35.10 12.23 -14.94
CA ILE A 364 35.35 11.01 -14.19
C ILE A 364 36.86 10.84 -13.96
N GLU A 365 37.65 11.07 -14.99
CA GLU A 365 39.09 10.96 -14.88
C GLU A 365 39.70 11.91 -13.83
N GLU A 366 39.05 13.05 -13.57
CA GLU A 366 39.49 13.97 -12.50
C GLU A 366 39.64 13.31 -11.13
N ILE A 367 38.90 12.24 -10.88
CA ILE A 367 38.83 11.63 -9.56
C ILE A 367 39.85 10.48 -9.42
N VAL A 368 40.31 9.93 -10.54
CA VAL A 368 41.18 8.75 -10.52
C VAL A 368 42.47 8.94 -9.69
N PRO A 369 43.14 10.11 -9.80
CA PRO A 369 44.35 10.32 -8.99
C PRO A 369 44.10 10.36 -7.46
N LEU A 370 42.86 10.56 -7.04
CA LEU A 370 42.52 10.55 -5.61
C LEU A 370 42.43 9.15 -5.02
N LEU A 371 42.33 8.14 -5.88
CA LEU A 371 42.23 6.76 -5.40
C LEU A 371 43.45 6.32 -4.57
N ALA A 372 44.62 6.85 -4.92
CA ALA A 372 45.87 6.48 -4.25
C ALA A 372 45.94 6.93 -2.80
N ASP A 373 45.11 7.90 -2.43
CA ASP A 373 45.05 8.36 -1.04
C ASP A 373 44.12 7.55 -0.12
N ILE A 374 43.46 6.54 -0.67
CA ILE A 374 42.58 5.67 0.10
C ILE A 374 43.43 4.51 0.59
N ARG A 375 43.75 4.53 1.88
CA ARG A 375 44.57 3.48 2.50
C ARG A 375 43.71 2.67 3.49
N HIS B 7 -8.81 -16.97 19.45
CA HIS B 7 -8.07 -17.82 18.46
C HIS B 7 -7.64 -16.98 17.25
N ALA B 8 -7.18 -17.64 16.18
CA ALA B 8 -6.48 -16.97 15.09
C ALA B 8 -7.45 -16.31 14.11
N ILE B 9 -7.16 -15.06 13.76
CA ILE B 9 -8.03 -14.29 12.88
C ILE B 9 -7.31 -14.03 11.57
N GLY B 10 -7.87 -14.53 10.48
CA GLY B 10 -7.26 -14.36 9.15
C GLY B 10 -7.56 -13.02 8.53
N TYR B 11 -6.66 -12.57 7.67
CA TYR B 11 -6.78 -11.25 7.02
C TYR B 11 -6.22 -11.33 5.62
N VAL B 12 -7.04 -11.01 4.62
CA VAL B 12 -6.63 -11.06 3.20
C VAL B 12 -6.58 -9.64 2.62
N TRP B 13 -5.41 -9.28 2.08
CA TRP B 13 -5.21 -8.14 1.19
C TRP B 13 -4.28 -8.63 0.07
N ASN B 14 -4.40 -8.01 -1.09
CA ASN B 14 -3.52 -8.27 -2.24
C ASN B 14 -3.32 -6.92 -2.91
N THR B 15 -2.08 -6.65 -3.31
CA THR B 15 -1.75 -5.37 -3.97
C THR B 15 -2.68 -5.05 -5.10
N LEU B 16 -3.05 -6.05 -5.89
CA LEU B 16 -3.84 -5.83 -7.08
C LEU B 16 -5.27 -5.35 -6.79
N TYR B 17 -5.78 -5.64 -5.59
CA TYR B 17 -7.05 -5.04 -5.16
C TYR B 17 -7.03 -3.51 -5.25
N GLY B 18 -5.86 -2.94 -5.01
CA GLY B 18 -5.68 -1.49 -5.10
C GLY B 18 -5.37 -0.95 -6.49
N TRP B 19 -5.23 -1.83 -7.49
CA TRP B 19 -4.89 -1.45 -8.86
C TRP B 19 -6.07 -1.56 -9.84
N VAL B 20 -7.27 -1.82 -9.34
CA VAL B 20 -8.45 -1.87 -10.19
C VAL B 20 -8.60 -0.53 -10.90
N ASP B 21 -8.73 -0.58 -12.23
CA ASP B 21 -8.82 0.65 -13.01
C ASP B 21 -10.28 1.03 -13.18
N THR B 22 -10.71 2.02 -12.42
CA THR B 22 -12.08 2.51 -12.50
C THR B 22 -12.30 3.62 -13.55
N GLY B 23 -11.25 3.96 -14.31
CA GLY B 23 -11.39 4.86 -15.45
C GLY B 23 -11.21 6.32 -15.09
N THR B 24 -11.84 7.18 -15.90
CA THR B 24 -11.75 8.63 -15.73
C THR B 24 -13.13 9.26 -15.53
N GLY B 25 -14.18 8.46 -15.40
CA GLY B 25 -15.50 8.98 -15.09
C GLY B 25 -15.81 9.01 -13.60
N SER B 26 -16.98 9.53 -13.28
CA SER B 26 -17.47 9.60 -11.90
C SER B 26 -18.18 8.33 -11.44
N LEU B 27 -18.96 7.76 -12.36
CA LEU B 27 -19.84 6.65 -12.08
C LEU B 27 -19.98 5.88 -13.39
N ALA B 28 -20.66 6.46 -14.36
CA ALA B 28 -20.45 6.11 -15.75
C ALA B 28 -19.15 6.77 -16.22
N ALA B 29 -18.79 6.48 -17.46
CA ALA B 29 -17.62 7.08 -18.07
C ALA B 29 -17.76 8.59 -18.20
N ALA B 30 -16.62 9.26 -18.32
CA ALA B 30 -16.62 10.64 -18.80
C ALA B 30 -17.26 10.68 -20.19
N ASN B 31 -17.95 11.78 -20.49
CA ASN B 31 -18.65 11.92 -21.75
C ASN B 31 -18.72 13.38 -22.09
N LEU B 32 -18.09 13.77 -23.19
CA LEU B 32 -17.96 15.19 -23.50
C LEU B 32 -19.28 15.79 -23.99
N THR B 33 -20.06 15.05 -24.77
CA THR B 33 -21.32 15.65 -25.25
C THR B 33 -22.32 15.87 -24.10
N ALA B 34 -22.30 14.99 -23.10
CA ALA B 34 -23.10 15.16 -21.88
C ALA B 34 -22.51 16.19 -20.90
N ARG B 35 -21.28 16.61 -21.20
CA ARG B 35 -20.49 17.54 -20.37
C ARG B 35 -20.20 16.99 -18.99
N MET B 36 -19.87 15.70 -18.97
N MET B 36 -20.00 15.65 -18.91
CA MET B 36 -19.45 15.02 -17.76
CA MET B 36 -19.45 15.01 -17.71
C MET B 36 -17.94 15.00 -17.81
C MET B 36 -17.94 15.03 -17.84
N GLN B 37 -17.34 15.95 -17.07
CA GLN B 37 -15.90 16.20 -17.08
C GLN B 37 -15.15 15.02 -16.47
N PRO B 38 -14.00 14.64 -17.07
CA PRO B 38 -13.18 13.61 -16.44
C PRO B 38 -12.80 13.99 -15.00
N ILE B 39 -12.55 12.99 -14.17
CA ILE B 39 -12.14 13.23 -12.79
C ILE B 39 -11.11 12.17 -12.40
N SER B 40 -10.21 12.51 -11.48
CA SER B 40 -9.13 11.58 -11.08
C SER B 40 -9.64 10.33 -10.37
N HIS B 41 -10.61 10.53 -9.49
CA HIS B 41 -11.12 9.44 -8.66
C HIS B 41 -12.60 9.20 -8.92
N HIS B 42 -12.87 8.11 -9.62
CA HIS B 42 -14.21 7.57 -9.77
C HIS B 42 -14.75 7.31 -8.34
N LEU B 43 -16.06 7.35 -8.19
CA LEU B 43 -16.66 7.04 -6.88
C LEU B 43 -16.15 5.72 -6.26
N ALA B 44 -15.93 4.71 -7.10
CA ALA B 44 -15.54 3.37 -6.70
C ALA B 44 -14.02 3.14 -6.77
N HIS B 45 -13.25 4.23 -6.86
CA HIS B 45 -11.79 4.14 -6.93
C HIS B 45 -11.22 3.26 -5.81
N PRO B 46 -10.19 2.45 -6.14
CA PRO B 46 -9.69 1.52 -5.14
C PRO B 46 -8.99 2.12 -3.93
N ASP B 47 -8.67 3.42 -3.96
CA ASP B 47 -8.00 4.02 -2.82
C ASP B 47 -8.81 3.90 -1.52
N THR B 48 -10.13 3.91 -1.61
CA THR B 48 -10.96 3.84 -0.40
C THR B 48 -10.64 2.58 0.39
N LYS B 49 -10.65 1.43 -0.28
CA LYS B 49 -10.38 0.17 0.39
C LYS B 49 -8.90 0.03 0.74
N ARG B 50 -8.01 0.57 -0.10
CA ARG B 50 -6.58 0.56 0.26
C ARG B 50 -6.32 1.34 1.55
N ARG B 51 -7.01 2.47 1.75
CA ARG B 51 -6.84 3.24 2.98
C ARG B 51 -7.27 2.44 4.22
N PHE B 52 -8.31 1.62 4.05
CA PHE B 52 -8.72 0.68 5.10
C PHE B 52 -7.57 -0.31 5.40
N HIS B 53 -7.02 -0.94 4.37
CA HIS B 53 -5.90 -1.85 4.55
C HIS B 53 -4.72 -1.16 5.24
N GLU B 54 -4.37 0.03 4.78
CA GLU B 54 -3.22 0.72 5.37
C GLU B 54 -3.46 1.08 6.83
N LEU B 55 -4.72 1.39 7.19
CA LEU B 55 -5.05 1.62 8.59
C LEU B 55 -4.96 0.33 9.43
N VAL B 56 -5.36 -0.81 8.88
CA VAL B 56 -5.19 -2.10 9.57
C VAL B 56 -3.72 -2.31 9.93
N CYS B 57 -2.85 -1.98 8.98
CA CYS B 57 -1.41 -2.06 9.20
C CYS B 57 -0.90 -1.02 10.21
N ALA B 58 -1.21 0.24 9.95
CA ALA B 58 -0.61 1.36 10.71
C ALA B 58 -1.13 1.44 12.15
N SER B 59 -2.34 0.95 12.36
CA SER B 59 -2.96 0.90 13.69
C SER B 59 -2.32 -0.14 14.60
N GLY B 60 -1.58 -1.07 14.01
CA GLY B 60 -1.03 -2.22 14.74
C GLY B 60 -1.97 -3.39 14.81
N GLN B 61 -3.18 -3.26 14.24
CA GLN B 61 -4.10 -4.41 14.23
C GLN B 61 -3.51 -5.62 13.51
N ILE B 62 -2.69 -5.38 12.48
CA ILE B 62 -2.04 -6.46 11.76
C ILE B 62 -1.21 -7.39 12.65
N GLU B 63 -0.66 -6.86 13.74
CA GLU B 63 0.09 -7.69 14.70
C GLU B 63 -0.77 -8.78 15.36
N HIS B 64 -2.09 -8.60 15.35
CA HIS B 64 -3.04 -9.57 15.92
C HIS B 64 -3.77 -10.41 14.87
N LEU B 65 -3.34 -10.28 13.63
CA LEU B 65 -3.96 -10.96 12.50
C LEU B 65 -2.98 -11.93 11.85
N THR B 66 -3.54 -12.95 11.24
CA THR B 66 -2.78 -13.93 10.49
C THR B 66 -2.97 -13.58 8.99
N PRO B 67 -1.94 -12.99 8.36
CA PRO B 67 -2.09 -12.69 6.95
C PRO B 67 -2.27 -13.94 6.09
N ILE B 68 -3.22 -13.87 5.18
CA ILE B 68 -3.59 -14.99 4.32
C ILE B 68 -3.48 -14.49 2.87
N ALA B 69 -2.67 -15.18 2.07
CA ALA B 69 -2.51 -14.83 0.66
C ALA B 69 -3.76 -15.22 -0.11
N ALA B 70 -4.21 -14.31 -0.97
CA ALA B 70 -5.26 -14.67 -1.91
C ALA B 70 -4.73 -15.71 -2.91
N VAL B 71 -5.61 -16.63 -3.29
CA VAL B 71 -5.33 -17.65 -4.29
C VAL B 71 -6.36 -17.45 -5.39
N ALA B 72 -5.93 -17.31 -6.64
CA ALA B 72 -6.85 -17.01 -7.74
C ALA B 72 -7.97 -18.03 -7.83
N ALA B 73 -9.20 -17.56 -7.92
CA ALA B 73 -10.32 -18.46 -8.12
C ALA B 73 -10.19 -19.14 -9.48
N THR B 74 -10.37 -20.46 -9.50
CA THR B 74 -10.30 -21.21 -10.76
C THR B 74 -11.62 -21.08 -11.51
N ASP B 75 -11.63 -21.50 -12.78
CA ASP B 75 -12.90 -21.60 -13.52
C ASP B 75 -13.92 -22.44 -12.74
N ALA B 76 -13.49 -23.58 -12.20
CA ALA B 76 -14.41 -24.43 -11.41
C ALA B 76 -15.01 -23.68 -10.23
N ASP B 77 -14.19 -22.89 -9.53
CA ASP B 77 -14.68 -22.09 -8.41
C ASP B 77 -15.76 -21.12 -8.90
N ILE B 78 -15.47 -20.43 -10.00
CA ILE B 78 -16.37 -19.40 -10.52
C ILE B 78 -17.70 -20.02 -10.98
N LEU B 79 -17.61 -21.20 -11.57
CA LEU B 79 -18.79 -21.90 -12.11
C LEU B 79 -19.76 -22.41 -11.04
N ARG B 80 -19.33 -22.43 -9.78
CA ARG B 80 -20.28 -22.76 -8.69
C ARG B 80 -21.27 -21.64 -8.42
N ALA B 81 -20.96 -20.43 -8.89
CA ALA B 81 -21.84 -19.27 -8.71
C ALA B 81 -22.34 -18.68 -10.00
N HIS B 82 -21.62 -18.86 -11.10
CA HIS B 82 -21.88 -18.16 -12.35
C HIS B 82 -21.96 -19.07 -13.54
N SER B 83 -22.62 -18.58 -14.58
CA SER B 83 -22.72 -19.30 -15.85
C SER B 83 -21.37 -19.36 -16.57
N ALA B 84 -21.21 -20.38 -17.40
CA ALA B 84 -20.02 -20.47 -18.26
C ALA B 84 -19.99 -19.31 -19.24
N ALA B 85 -21.16 -18.89 -19.72
CA ALA B 85 -21.24 -17.74 -20.64
C ALA B 85 -20.69 -16.45 -20.01
N HIS B 86 -21.02 -16.21 -18.75
CA HIS B 86 -20.51 -15.03 -18.05
C HIS B 86 -18.99 -15.08 -17.88
N LEU B 87 -18.49 -16.22 -17.41
CA LEU B 87 -17.04 -16.43 -17.27
C LEU B 87 -16.29 -16.18 -18.57
N GLU B 88 -16.81 -16.75 -19.65
CA GLU B 88 -16.21 -16.58 -20.98
C GLU B 88 -16.29 -15.13 -21.44
N ASN B 89 -17.38 -14.43 -21.13
CA ASN B 89 -17.47 -13.00 -21.48
C ASN B 89 -16.43 -12.16 -20.71
N MET B 90 -16.19 -12.49 -19.44
CA MET B 90 -15.19 -11.78 -18.66
C MET B 90 -13.77 -12.02 -19.19
N LYS B 91 -13.48 -13.24 -19.64
CA LYS B 91 -12.21 -13.53 -20.32
C LYS B 91 -12.05 -12.66 -21.56
N ARG B 92 -13.12 -12.53 -22.34
CA ARG B 92 -13.12 -11.68 -23.54
C ARG B 92 -12.84 -10.20 -23.25
N VAL B 93 -13.58 -9.61 -22.32
CA VAL B 93 -13.44 -8.19 -21.99
C VAL B 93 -12.04 -7.87 -21.41
N SER B 94 -11.56 -8.74 -20.51
CA SER B 94 -10.24 -8.58 -19.88
C SER B 94 -9.10 -8.33 -20.87
N ASN B 95 -9.23 -8.92 -22.04
CA ASN B 95 -8.29 -8.65 -23.15
C ASN B 95 -8.29 -7.26 -23.81
N LEU B 96 -9.31 -6.43 -23.62
CA LEU B 96 -9.36 -5.16 -24.38
C LEU B 96 -8.20 -4.27 -23.91
N PRO B 97 -7.52 -3.55 -24.84
CA PRO B 97 -6.28 -2.83 -24.48
C PRO B 97 -6.41 -1.87 -23.30
N THR B 98 -7.57 -1.22 -23.15
CA THR B 98 -7.83 -0.35 -21.98
C THR B 98 -8.98 -0.91 -21.14
N GLY B 99 -9.32 -2.17 -21.40
CA GLY B 99 -10.48 -2.79 -20.79
C GLY B 99 -11.76 -2.13 -21.28
N GLY B 100 -12.76 -2.03 -20.42
CA GLY B 100 -14.02 -1.36 -20.76
C GLY B 100 -15.16 -1.77 -19.87
N ASP B 101 -16.30 -1.09 -20.03
CA ASP B 101 -17.53 -1.47 -19.34
C ASP B 101 -17.92 -2.94 -19.68
N THR B 102 -18.46 -3.67 -18.70
CA THR B 102 -18.85 -5.09 -18.87
C THR B 102 -20.33 -5.31 -19.28
N GLY B 103 -21.18 -4.28 -19.11
CA GLY B 103 -22.60 -4.42 -19.47
C GLY B 103 -23.53 -3.31 -19.06
N ASP B 104 -23.54 -2.97 -17.77
CA ASP B 104 -24.55 -2.05 -17.23
C ASP B 104 -24.22 -0.55 -17.32
N GLY B 105 -23.09 -0.20 -17.91
CA GLY B 105 -22.70 1.21 -18.05
C GLY B 105 -22.08 1.86 -16.83
N ILE B 106 -21.98 1.15 -15.70
CA ILE B 106 -21.26 1.67 -14.53
C ILE B 106 -20.15 0.73 -14.02
N THR B 107 -19.84 -0.35 -14.77
CA THR B 107 -18.93 -1.45 -14.32
C THR B 107 -17.74 -1.65 -15.27
N MET B 108 -16.73 -0.82 -15.02
CA MET B 108 -15.46 -0.86 -15.73
C MET B 108 -14.59 -2.01 -15.17
N MET B 109 -14.03 -2.81 -16.09
CA MET B 109 -12.89 -3.72 -15.85
C MET B 109 -11.71 -3.16 -16.65
N GLY B 110 -10.61 -2.83 -15.98
CA GLY B 110 -9.37 -2.46 -16.66
C GLY B 110 -8.81 -3.57 -17.54
N ASN B 111 -7.76 -3.25 -18.30
CA ASN B 111 -7.02 -4.29 -19.05
C ASN B 111 -6.36 -5.35 -18.11
N GLY B 112 -6.36 -6.63 -18.54
CA GLY B 112 -6.04 -7.85 -17.72
C GLY B 112 -6.79 -8.02 -16.40
N GLY B 113 -7.92 -7.32 -16.30
CA GLY B 113 -8.60 -7.15 -15.03
C GLY B 113 -9.25 -8.42 -14.48
N LEU B 114 -9.37 -9.45 -15.30
CA LEU B 114 -9.86 -10.74 -14.81
C LEU B 114 -8.95 -11.33 -13.75
N GLU B 115 -7.64 -11.07 -13.88
CA GLU B 115 -6.72 -11.50 -12.83
C GLU B 115 -7.15 -10.99 -11.46
N ILE B 116 -7.55 -9.72 -11.40
CA ILE B 116 -7.93 -9.12 -10.13
C ILE B 116 -9.28 -9.70 -9.67
N ALA B 117 -10.22 -9.84 -10.59
CA ALA B 117 -11.52 -10.44 -10.25
C ALA B 117 -11.33 -11.86 -9.70
N ARG B 118 -10.43 -12.65 -10.28
CA ARG B 118 -10.15 -13.98 -9.74
C ARG B 118 -9.51 -13.93 -8.34
N LEU B 119 -8.59 -12.97 -8.13
CA LEU B 119 -7.99 -12.84 -6.81
C LEU B 119 -8.95 -12.37 -5.74
N SER B 120 -9.93 -11.56 -6.14
CA SER B 120 -10.94 -11.07 -5.22
C SER B 120 -11.84 -12.25 -4.76
N ALA B 121 -12.39 -12.99 -5.72
CA ALA B 121 -13.20 -14.14 -5.37
C ALA B 121 -12.36 -15.19 -4.65
N GLY B 122 -11.13 -15.38 -5.11
CA GLY B 122 -10.22 -16.32 -4.50
C GLY B 122 -9.80 -15.98 -3.09
N GLY B 123 -9.73 -14.68 -2.76
CA GLY B 123 -9.42 -14.28 -1.39
C GLY B 123 -10.54 -14.69 -0.46
N ALA B 124 -11.78 -14.52 -0.91
CA ALA B 124 -12.94 -14.98 -0.15
C ALA B 124 -12.94 -16.50 0.04
N VAL B 125 -12.62 -17.24 -1.02
CA VAL B 125 -12.57 -18.70 -0.96
C VAL B 125 -11.48 -19.19 -0.02
N GLU B 126 -10.30 -18.60 -0.12
CA GLU B 126 -9.17 -19.08 0.67
C GLU B 126 -9.40 -18.83 2.15
N LEU B 127 -9.99 -17.69 2.50
CA LEU B 127 -10.27 -17.41 3.89
C LEU B 127 -11.35 -18.35 4.41
N THR B 128 -12.37 -18.56 3.59
CA THR B 128 -13.43 -19.51 3.90
C THR B 128 -12.86 -20.90 4.18
N ARG B 129 -11.95 -21.34 3.31
CA ARG B 129 -11.31 -22.65 3.51
C ARG B 129 -10.61 -22.75 4.86
N ARG B 130 -9.83 -21.75 5.19
CA ARG B 130 -9.03 -21.81 6.41
C ARG B 130 -9.85 -21.68 7.68
N VAL B 131 -10.94 -20.91 7.63
CA VAL B 131 -11.87 -20.82 8.75
C VAL B 131 -12.65 -22.13 8.90
N ALA B 132 -13.19 -22.63 7.80
CA ALA B 132 -14.07 -23.81 7.85
C ALA B 132 -13.35 -25.10 8.24
N THR B 133 -12.06 -25.19 7.96
CA THR B 133 -11.26 -26.30 8.34
C THR B 133 -10.72 -26.22 9.76
N GLY B 134 -10.89 -25.07 10.43
CA GLY B 134 -10.45 -24.88 11.81
C GLY B 134 -9.03 -24.36 11.99
N GLU B 135 -8.35 -24.07 10.89
CA GLU B 135 -7.03 -23.44 10.97
C GLU B 135 -7.14 -22.06 11.64
N LEU B 136 -8.20 -21.34 11.27
CA LEU B 136 -8.50 -20.02 11.81
C LEU B 136 -9.89 -20.04 12.42
N SER B 137 -10.12 -19.17 13.39
CA SER B 137 -11.43 -19.07 14.03
C SER B 137 -12.40 -18.19 13.24
N ALA B 138 -11.88 -17.19 12.53
CA ALA B 138 -12.69 -16.22 11.79
C ALA B 138 -11.73 -15.39 10.93
N GLY B 139 -12.25 -14.47 10.15
CA GLY B 139 -11.39 -13.58 9.40
C GLY B 139 -12.08 -12.51 8.60
N TYR B 140 -11.27 -11.65 7.99
CA TYR B 140 -11.75 -10.55 7.16
C TYR B 140 -10.97 -10.60 5.83
N ALA B 141 -11.69 -10.74 4.72
CA ALA B 141 -11.11 -10.69 3.39
C ALA B 141 -11.43 -9.31 2.79
N LEU B 142 -10.41 -8.46 2.76
CA LEU B 142 -10.55 -7.09 2.27
C LEU B 142 -10.31 -7.10 0.77
N VAL B 143 -11.30 -7.56 0.04
CA VAL B 143 -11.16 -7.78 -1.40
C VAL B 143 -11.70 -6.61 -2.21
N ASN B 144 -11.33 -6.57 -3.48
CA ASN B 144 -11.85 -5.59 -4.45
C ASN B 144 -11.48 -6.15 -5.82
N PRO B 145 -12.37 -6.17 -6.82
CA PRO B 145 -13.72 -5.59 -6.84
C PRO B 145 -14.74 -6.35 -5.98
N PRO B 146 -15.88 -5.69 -5.66
CA PRO B 146 -16.93 -6.24 -4.83
C PRO B 146 -17.74 -7.27 -5.63
N GLY B 147 -18.71 -7.89 -4.96
CA GLY B 147 -19.42 -9.00 -5.55
C GLY B 147 -20.94 -9.03 -5.60
N HIS B 148 -21.62 -8.43 -4.63
CA HIS B 148 -23.00 -8.86 -4.36
C HIS B 148 -24.04 -8.49 -5.41
N HIS B 149 -23.73 -7.56 -6.32
CA HIS B 149 -24.67 -7.25 -7.40
C HIS B 149 -24.57 -8.19 -8.63
N ALA B 150 -23.52 -9.00 -8.71
CA ALA B 150 -23.34 -9.84 -9.89
C ALA B 150 -24.24 -11.07 -9.75
N PRO B 151 -25.24 -11.20 -10.63
CA PRO B 151 -26.09 -12.39 -10.57
C PRO B 151 -25.43 -13.54 -11.31
N HIS B 152 -26.15 -14.64 -11.50
CA HIS B 152 -25.57 -15.83 -12.11
C HIS B 152 -24.92 -15.54 -13.47
N ASN B 153 -25.60 -14.78 -14.32
CA ASN B 153 -25.22 -14.62 -15.76
C ASN B 153 -24.72 -13.22 -16.17
N ALA B 154 -24.24 -12.40 -15.22
CA ALA B 154 -23.78 -11.06 -15.57
C ALA B 154 -22.89 -10.41 -14.53
N ALA B 155 -22.14 -9.40 -14.97
CA ALA B 155 -21.52 -8.42 -14.07
C ALA B 155 -22.51 -7.27 -13.90
N MET B 156 -22.47 -6.63 -12.75
CA MET B 156 -23.37 -5.50 -12.47
C MET B 156 -22.87 -4.68 -11.30
N GLY B 157 -23.12 -3.38 -11.33
CA GLY B 157 -22.87 -2.53 -10.16
C GLY B 157 -21.46 -2.62 -9.58
N PHE B 158 -20.45 -2.52 -10.45
CA PHE B 158 -19.03 -2.58 -10.08
C PHE B 158 -18.56 -4.03 -9.76
N CYS B 159 -19.44 -5.03 -9.84
CA CYS B 159 -19.15 -6.40 -9.43
C CYS B 159 -18.97 -7.31 -10.64
N ILE B 160 -17.82 -7.98 -10.74
CA ILE B 160 -17.52 -8.92 -11.82
C ILE B 160 -18.00 -10.33 -11.48
N PHE B 161 -17.55 -10.84 -10.33
CA PHE B 161 -18.02 -12.11 -9.80
C PHE B 161 -18.53 -11.89 -8.38
N ASN B 162 -19.47 -12.74 -8.00
CA ASN B 162 -20.10 -12.69 -6.70
C ASN B 162 -19.25 -13.42 -5.71
N ASN B 163 -18.31 -12.68 -5.14
CA ASN B 163 -17.31 -13.25 -4.25
C ASN B 163 -17.89 -14.09 -3.12
N THR B 164 -18.92 -13.60 -2.44
CA THR B 164 -19.46 -14.38 -1.33
C THR B 164 -20.18 -15.64 -1.79
N SER B 165 -20.77 -15.59 -2.99
CA SER B 165 -21.44 -16.77 -3.55
C SER B 165 -20.42 -17.79 -4.07
N VAL B 166 -19.31 -17.33 -4.62
CA VAL B 166 -18.21 -18.23 -4.95
C VAL B 166 -17.72 -18.95 -3.67
N ALA B 167 -17.56 -18.22 -2.58
CA ALA B 167 -17.14 -18.82 -1.33
C ALA B 167 -18.20 -19.79 -0.77
N ALA B 168 -19.47 -19.39 -0.82
CA ALA B 168 -20.56 -20.26 -0.34
C ALA B 168 -20.61 -21.57 -1.16
N GLY B 169 -20.47 -21.43 -2.47
CA GLY B 169 -20.46 -22.57 -3.37
C GLY B 169 -19.33 -23.52 -3.07
N TYR B 170 -18.18 -22.98 -2.71
CA TYR B 170 -17.01 -23.76 -2.31
C TYR B 170 -17.31 -24.50 -1.00
N ALA B 171 -17.86 -23.79 -0.02
CA ALA B 171 -18.21 -24.41 1.27
C ALA B 171 -19.19 -25.57 1.11
N ARG B 172 -20.14 -25.42 0.18
CA ARG B 172 -21.14 -26.44 -0.10
C ARG B 172 -20.51 -27.64 -0.79
N ALA B 173 -19.89 -27.39 -1.94
CA ALA B 173 -19.44 -28.46 -2.85
C ALA B 173 -18.14 -29.12 -2.43
N VAL B 174 -17.18 -28.35 -1.93
CA VAL B 174 -15.84 -28.87 -1.60
C VAL B 174 -15.74 -29.27 -0.12
N LEU B 175 -16.27 -28.43 0.76
CA LEU B 175 -16.17 -28.67 2.20
C LEU B 175 -17.36 -29.49 2.71
N GLY B 176 -18.42 -29.63 1.89
CA GLY B 176 -19.54 -30.51 2.25
C GLY B 176 -20.52 -29.95 3.27
N MET B 177 -20.54 -28.63 3.40
CA MET B 177 -21.52 -28.02 4.29
C MET B 177 -22.90 -28.10 3.65
N GLU B 178 -23.91 -28.40 4.47
CA GLU B 178 -25.27 -28.51 3.99
C GLU B 178 -26.02 -27.20 4.07
N ARG B 179 -25.63 -26.31 4.98
CA ARG B 179 -26.27 -25.00 5.18
C ARG B 179 -25.23 -23.91 5.36
N VAL B 180 -25.33 -22.87 4.54
CA VAL B 180 -24.47 -21.67 4.62
C VAL B 180 -25.40 -20.45 4.60
N ALA B 181 -25.03 -19.40 5.33
CA ALA B 181 -25.76 -18.14 5.30
C ALA B 181 -24.85 -17.03 4.80
N ILE B 182 -25.40 -16.17 3.95
CA ILE B 182 -24.75 -14.94 3.51
C ILE B 182 -25.57 -13.77 4.05
N LEU B 183 -24.97 -13.01 4.96
CA LEU B 183 -25.56 -11.83 5.54
C LEU B 183 -24.91 -10.62 4.91
N ASP B 184 -25.68 -9.85 4.14
CA ASP B 184 -25.16 -8.72 3.39
C ASP B 184 -25.68 -7.44 4.05
N TRP B 185 -24.77 -6.64 4.60
CA TRP B 185 -25.15 -5.35 5.15
C TRP B 185 -24.56 -4.19 4.38
N ASP B 186 -24.04 -4.45 3.19
CA ASP B 186 -23.82 -3.36 2.23
C ASP B 186 -25.18 -2.66 2.07
N VAL B 187 -25.14 -1.34 1.93
CA VAL B 187 -26.35 -0.52 1.91
C VAL B 187 -27.22 -0.73 0.68
N HIS B 188 -26.63 -1.33 -0.37
CA HIS B 188 -27.35 -1.62 -1.61
C HIS B 188 -27.85 -3.06 -1.58
N HIS B 189 -29.00 -3.30 -2.19
CA HIS B 189 -29.57 -4.65 -2.22
C HIS B 189 -28.64 -5.65 -2.88
N GLY B 190 -28.43 -6.79 -2.23
CA GLY B 190 -27.61 -7.86 -2.79
C GLY B 190 -28.38 -8.69 -3.81
N ASN B 191 -28.76 -8.04 -4.92
CA ASN B 191 -29.60 -8.68 -5.94
C ASN B 191 -28.91 -9.87 -6.62
N GLY B 192 -27.59 -9.81 -6.73
CA GLY B 192 -26.85 -10.87 -7.40
C GLY B 192 -26.89 -12.14 -6.58
N THR B 193 -26.63 -11.99 -5.29
CA THR B 193 -26.65 -13.10 -4.37
C THR B 193 -28.04 -13.70 -4.30
N GLN B 194 -29.03 -12.83 -4.22
CA GLN B 194 -30.42 -13.25 -4.22
C GLN B 194 -30.73 -14.10 -5.45
N ASP B 195 -30.29 -13.64 -6.61
CA ASP B 195 -30.50 -14.37 -7.88
C ASP B 195 -29.84 -15.74 -7.89
N ILE B 196 -28.60 -15.79 -7.45
CA ILE B 196 -27.82 -17.02 -7.58
C ILE B 196 -28.44 -18.17 -6.78
N TRP B 197 -28.92 -17.86 -5.57
CA TRP B 197 -29.43 -18.89 -4.67
C TRP B 197 -30.95 -18.89 -4.56
N TRP B 198 -31.62 -18.21 -5.50
CA TRP B 198 -33.07 -18.00 -5.49
C TRP B 198 -33.85 -19.29 -5.26
N ASN B 199 -33.45 -20.37 -5.92
CA ASN B 199 -34.17 -21.64 -5.84
C ASN B 199 -33.59 -22.62 -4.82
N ASP B 200 -32.68 -22.16 -3.96
CA ASP B 200 -31.81 -23.04 -3.19
C ASP B 200 -31.91 -22.75 -1.70
N PRO B 201 -32.49 -23.67 -0.91
CA PRO B 201 -32.54 -23.46 0.54
C PRO B 201 -31.23 -23.73 1.31
N SER B 202 -30.19 -24.24 0.63
CA SER B 202 -28.92 -24.57 1.29
C SER B 202 -28.01 -23.37 1.48
N VAL B 203 -28.37 -22.23 0.89
CA VAL B 203 -27.70 -20.97 1.16
C VAL B 203 -28.80 -19.93 1.48
N LEU B 204 -28.91 -19.59 2.75
CA LEU B 204 -29.82 -18.53 3.20
C LEU B 204 -29.19 -17.20 2.85
N THR B 205 -29.91 -16.37 2.11
CA THR B 205 -29.41 -15.08 1.67
C THR B 205 -30.24 -13.98 2.34
N ILE B 206 -29.55 -13.11 3.07
CA ILE B 206 -30.16 -12.00 3.82
C ILE B 206 -29.53 -10.69 3.33
N SER B 207 -30.37 -9.70 3.04
CA SER B 207 -29.87 -8.38 2.62
C SER B 207 -30.58 -7.26 3.39
N LEU B 208 -29.80 -6.57 4.22
CA LEU B 208 -30.22 -5.37 4.92
C LEU B 208 -29.75 -4.21 4.07
N HIS B 209 -30.64 -3.33 3.62
CA HIS B 209 -30.27 -2.29 2.63
C HIS B 209 -31.21 -1.10 2.66
N GLN B 210 -30.78 0.00 2.07
CA GLN B 210 -31.66 1.14 1.83
C GLN B 210 -32.60 0.80 0.70
N HIS B 211 -33.90 0.94 0.97
CA HIS B 211 -34.93 0.58 0.00
C HIS B 211 -34.78 1.33 -1.32
N LEU B 212 -34.62 0.58 -2.42
CA LEU B 212 -34.55 1.10 -3.79
C LEU B 212 -33.35 1.99 -4.08
N CYS B 213 -32.30 1.90 -3.27
CA CYS B 213 -31.08 2.68 -3.51
C CYS B 213 -30.38 2.18 -4.77
N PHE B 214 -30.02 0.90 -4.78
CA PHE B 214 -29.55 0.26 -6.01
C PHE B 214 -29.60 -1.26 -5.83
N PRO B 215 -30.18 -2.04 -6.75
CA PRO B 215 -30.84 -1.58 -7.98
C PRO B 215 -32.18 -0.87 -7.72
N PRO B 216 -32.74 -0.19 -8.73
CA PRO B 216 -33.97 0.61 -8.52
C PRO B 216 -35.28 -0.17 -8.37
N ASP B 217 -35.27 -1.45 -8.65
CA ASP B 217 -36.52 -2.21 -8.76
C ASP B 217 -36.44 -3.54 -8.02
N SER B 218 -35.57 -3.62 -7.01
CA SER B 218 -35.45 -4.88 -6.29
C SER B 218 -35.19 -4.64 -4.81
N GLY B 219 -35.26 -5.72 -4.06
CA GLY B 219 -35.04 -5.70 -2.63
C GLY B 219 -36.28 -5.61 -1.79
N TYR B 220 -37.44 -5.75 -2.43
CA TYR B 220 -38.71 -5.80 -1.71
C TYR B 220 -38.81 -7.03 -0.82
N SER B 221 -39.55 -6.88 0.28
CA SER B 221 -39.78 -7.96 1.22
C SER B 221 -40.49 -9.17 0.61
N THR B 222 -41.21 -8.96 -0.49
CA THR B 222 -41.93 -10.00 -1.20
C THR B 222 -41.04 -10.89 -2.07
N GLU B 223 -39.75 -10.56 -2.18
CA GLU B 223 -38.80 -11.39 -2.93
C GLU B 223 -38.25 -12.42 -1.97
N ARG B 224 -38.78 -13.65 -2.03
CA ARG B 224 -38.57 -14.65 -0.98
C ARG B 224 -37.96 -15.97 -1.47
N GLY B 225 -37.55 -16.01 -2.72
CA GLY B 225 -37.07 -17.24 -3.35
C GLY B 225 -38.18 -17.99 -4.03
N ALA B 226 -37.85 -19.16 -4.55
CA ALA B 226 -38.84 -19.97 -5.24
C ALA B 226 -38.54 -21.44 -5.09
N GLY B 227 -39.60 -22.24 -5.24
CA GLY B 227 -39.44 -23.69 -5.23
C GLY B 227 -38.98 -24.10 -3.85
N ASN B 228 -38.00 -24.99 -3.82
CA ASN B 228 -37.45 -25.44 -2.54
C ASN B 228 -36.77 -24.32 -1.76
N GLY B 229 -36.40 -23.26 -2.48
CA GLY B 229 -35.81 -22.08 -1.87
C GLY B 229 -36.79 -21.06 -1.32
N HIS B 230 -38.08 -21.29 -1.49
CA HIS B 230 -39.05 -20.31 -0.99
C HIS B 230 -38.95 -20.18 0.52
N GLY B 231 -38.73 -18.95 0.98
CA GLY B 231 -38.52 -18.66 2.40
C GLY B 231 -37.06 -18.52 2.82
N TYR B 232 -36.13 -18.80 1.90
CA TYR B 232 -34.70 -18.82 2.18
C TYR B 232 -33.95 -17.63 1.52
N ASN B 233 -34.70 -16.58 1.17
CA ASN B 233 -34.15 -15.26 0.84
C ASN B 233 -34.92 -14.25 1.67
N ILE B 234 -34.21 -13.38 2.38
CA ILE B 234 -34.83 -12.40 3.29
C ILE B 234 -34.26 -11.02 2.99
N ASN B 235 -35.12 -10.14 2.49
CA ASN B 235 -34.78 -8.74 2.27
C ASN B 235 -35.31 -7.88 3.41
N VAL B 236 -34.49 -6.97 3.88
CA VAL B 236 -34.86 -6.05 4.96
C VAL B 236 -34.60 -4.62 4.43
N PRO B 237 -35.52 -4.09 3.58
CA PRO B 237 -35.39 -2.74 3.08
C PRO B 237 -35.69 -1.73 4.17
N LEU B 238 -34.78 -0.77 4.35
CA LEU B 238 -34.93 0.29 5.35
C LEU B 238 -35.05 1.64 4.68
N PRO B 239 -35.70 2.60 5.37
CA PRO B 239 -35.83 3.91 4.74
C PRO B 239 -34.54 4.73 4.78
N PRO B 240 -34.39 5.64 3.80
CA PRO B 240 -33.31 6.61 3.89
C PRO B 240 -33.29 7.34 5.24
N GLY B 241 -32.08 7.63 5.71
CA GLY B 241 -31.86 8.27 6.98
C GLY B 241 -31.81 7.35 8.19
N SER B 242 -31.90 6.04 7.97
CA SER B 242 -31.80 5.06 9.05
C SER B 242 -30.38 5.04 9.61
N GLY B 243 -30.26 5.00 10.93
CA GLY B 243 -28.94 5.00 11.59
C GLY B 243 -28.74 3.81 12.49
N ASN B 244 -27.91 3.99 13.50
CA ASN B 244 -27.52 2.87 14.36
C ASN B 244 -28.72 2.18 15.02
N ALA B 245 -29.69 2.96 15.48
CA ALA B 245 -30.83 2.37 16.17
C ALA B 245 -31.60 1.43 15.26
N ALA B 246 -31.86 1.87 14.02
CA ALA B 246 -32.58 1.02 13.06
C ALA B 246 -31.77 -0.22 12.70
N TYR B 247 -30.50 -0.03 12.39
CA TYR B 247 -29.63 -1.17 12.05
C TYR B 247 -29.53 -2.19 13.18
N LEU B 248 -29.36 -1.73 14.41
CA LEU B 248 -29.29 -2.68 15.52
C LEU B 248 -30.64 -3.35 15.81
N HIS B 249 -31.75 -2.63 15.64
CA HIS B 249 -33.07 -3.22 15.79
C HIS B 249 -33.30 -4.30 14.71
N ALA B 250 -32.82 -4.04 13.50
CA ALA B 250 -32.93 -5.03 12.42
C ALA B 250 -32.10 -6.25 12.75
N MET B 251 -30.91 -6.04 13.32
CA MET B 251 -30.08 -7.18 13.71
C MET B 251 -30.77 -8.01 14.79
N ASP B 252 -31.31 -7.34 15.81
CA ASP B 252 -31.92 -8.05 16.94
C ASP B 252 -33.25 -8.71 16.61
N GLN B 253 -34.07 -8.06 15.77
CA GLN B 253 -35.42 -8.54 15.49
C GLN B 253 -35.48 -9.52 14.34
N VAL B 254 -34.61 -9.38 13.35
CA VAL B 254 -34.72 -10.14 12.11
C VAL B 254 -33.45 -10.96 11.79
N VAL B 255 -32.30 -10.30 11.72
CA VAL B 255 -31.12 -10.95 11.16
C VAL B 255 -30.62 -12.07 12.07
N LEU B 256 -30.38 -11.76 13.34
CA LEU B 256 -29.85 -12.76 14.25
C LEU B 256 -30.89 -13.89 14.47
N PRO B 257 -32.19 -13.55 14.67
CA PRO B 257 -33.16 -14.63 14.76
C PRO B 257 -33.23 -15.52 13.52
N ALA B 258 -33.02 -14.95 12.34
CA ALA B 258 -33.02 -15.74 11.09
C ALA B 258 -31.86 -16.72 11.08
N LEU B 259 -30.69 -16.24 11.50
CA LEU B 259 -29.52 -17.11 11.54
C LEU B 259 -29.71 -18.24 12.56
N ARG B 260 -30.23 -17.91 13.73
CA ARG B 260 -30.50 -18.90 14.78
C ARG B 260 -31.48 -19.95 14.30
N ALA B 261 -32.54 -19.53 13.61
CA ALA B 261 -33.53 -20.45 13.05
C ALA B 261 -32.93 -21.40 12.00
N TYR B 262 -32.04 -20.86 11.18
CA TYR B 262 -31.49 -21.61 10.06
C TYR B 262 -30.36 -22.57 10.42
N ARG B 263 -29.61 -22.27 11.48
CA ARG B 263 -28.46 -23.08 11.91
C ARG B 263 -27.45 -23.29 10.78
N PRO B 264 -26.95 -22.19 10.19
CA PRO B 264 -25.89 -22.36 9.19
C PRO B 264 -24.64 -22.99 9.80
N GLN B 265 -23.86 -23.70 9.00
CA GLN B 265 -22.58 -24.22 9.44
C GLN B 265 -21.44 -23.22 9.20
N LEU B 266 -21.75 -22.15 8.46
CA LEU B 266 -20.83 -21.05 8.18
C LEU B 266 -21.65 -19.80 7.91
N ILE B 267 -21.23 -18.68 8.50
CA ILE B 267 -21.82 -17.38 8.19
C ILE B 267 -20.79 -16.58 7.40
N ILE B 268 -21.18 -16.14 6.21
CA ILE B 268 -20.39 -15.23 5.40
C ILE B 268 -21.04 -13.87 5.44
N VAL B 269 -20.30 -12.84 5.88
CA VAL B 269 -20.84 -11.48 5.93
C VAL B 269 -20.36 -10.69 4.72
N GLY B 270 -21.29 -10.19 3.91
CA GLY B 270 -20.99 -9.22 2.87
C GLY B 270 -20.91 -7.88 3.55
N SER B 271 -19.68 -7.50 3.88
CA SER B 271 -19.40 -6.39 4.76
C SER B 271 -19.09 -5.15 3.93
N GLY B 272 -20.13 -4.41 3.57
CA GLY B 272 -19.97 -3.09 2.99
C GLY B 272 -20.06 -2.04 4.09
N PHE B 273 -19.47 -0.87 3.85
CA PHE B 273 -19.56 0.26 4.78
C PHE B 273 -20.21 1.48 4.16
N ASP B 274 -20.98 1.25 3.09
CA ASP B 274 -21.66 2.34 2.41
C ASP B 274 -22.94 2.79 3.11
N ALA B 275 -23.33 2.12 4.21
CA ALA B 275 -24.36 2.66 5.10
C ALA B 275 -23.81 3.73 6.05
N SER B 276 -22.52 4.07 5.94
CA SER B 276 -21.97 5.05 6.86
C SER B 276 -22.55 6.44 6.66
N MET B 277 -22.46 7.19 7.74
CA MET B 277 -22.92 8.57 7.81
C MET B 277 -22.36 9.49 6.77
N LEU B 278 -21.17 9.19 6.25
CA LEU B 278 -20.51 10.07 5.27
C LEU B 278 -20.43 9.48 3.86
N ASP B 279 -21.22 8.44 3.55
CA ASP B 279 -21.08 7.84 2.23
C ASP B 279 -21.83 8.65 1.17
N PRO B 280 -21.20 8.90 0.02
CA PRO B 280 -21.94 9.57 -1.04
C PRO B 280 -22.99 8.73 -1.76
N LEU B 281 -22.89 7.40 -1.71
CA LEU B 281 -23.73 6.53 -2.54
C LEU B 281 -24.92 5.90 -1.78
N ALA B 282 -25.19 6.36 -0.56
CA ALA B 282 -26.46 6.08 0.11
C ALA B 282 -26.71 7.16 1.14
N ARG B 283 -27.88 7.08 1.80
CA ARG B 283 -28.38 8.11 2.69
C ARG B 283 -28.56 7.62 4.12
N MET B 284 -27.75 6.66 4.55
CA MET B 284 -27.89 6.09 5.89
C MET B 284 -26.92 6.73 6.87
N MET B 285 -27.09 6.42 8.15
CA MET B 285 -26.45 7.16 9.24
C MET B 285 -25.67 6.28 10.20
N VAL B 286 -25.15 5.17 9.71
CA VAL B 286 -24.40 4.26 10.57
C VAL B 286 -23.00 4.85 10.84
N THR B 287 -22.55 4.72 12.08
CA THR B 287 -21.22 5.18 12.46
C THR B 287 -20.35 3.97 12.71
N ALA B 288 -19.06 4.21 12.88
CA ALA B 288 -18.13 3.11 13.18
C ALA B 288 -18.56 2.35 14.43
N ASP B 289 -19.07 3.05 15.45
CA ASP B 289 -19.60 2.36 16.63
C ASP B 289 -20.81 1.48 16.30
N GLY B 290 -21.65 1.91 15.36
CA GLY B 290 -22.72 1.08 14.82
C GLY B 290 -22.24 -0.22 14.18
N PHE B 291 -21.33 -0.08 13.23
CA PHE B 291 -20.72 -1.26 12.62
C PHE B 291 -20.02 -2.16 13.65
N ARG B 292 -19.39 -1.55 14.66
CA ARG B 292 -18.75 -2.31 15.73
C ARG B 292 -19.77 -3.23 16.42
N GLN B 293 -20.92 -2.65 16.77
CA GLN B 293 -21.96 -3.39 17.47
C GLN B 293 -22.59 -4.46 16.58
N MET B 294 -22.76 -4.15 15.30
CA MET B 294 -23.26 -5.13 14.33
C MET B 294 -22.31 -6.32 14.23
N ALA B 295 -21.02 -6.04 14.12
CA ALA B 295 -20.01 -7.10 14.06
C ALA B 295 -19.95 -7.92 15.35
N ARG B 296 -19.94 -7.25 16.50
CA ARG B 296 -19.92 -7.94 17.80
C ARG B 296 -21.09 -8.91 17.94
N ARG B 297 -22.29 -8.42 17.61
CA ARG B 297 -23.49 -9.26 17.67
C ARG B 297 -23.41 -10.50 16.78
N THR B 298 -22.92 -10.29 15.55
CA THR B 298 -22.88 -11.36 14.58
C THR B 298 -21.81 -12.39 14.93
N ILE B 299 -20.64 -11.94 15.37
CA ILE B 299 -19.57 -12.86 15.79
C ILE B 299 -20.02 -13.69 17.00
N ASP B 300 -20.71 -13.03 17.93
CA ASP B 300 -21.23 -13.74 19.12
C ASP B 300 -22.34 -14.74 18.77
N CYS B 301 -23.13 -14.42 17.75
CA CYS B 301 -24.13 -15.35 17.24
C CYS B 301 -23.46 -16.60 16.65
N ALA B 302 -22.48 -16.37 15.79
CA ALA B 302 -21.71 -17.47 15.23
C ALA B 302 -21.10 -18.37 16.29
N ALA B 303 -20.60 -17.76 17.37
CA ALA B 303 -20.03 -18.55 18.48
C ALA B 303 -21.02 -19.53 19.07
N ASP B 304 -22.30 -19.13 19.12
N ASP B 304 -22.28 -19.12 19.15
CA ASP B 304 -23.36 -19.95 19.69
CA ASP B 304 -23.35 -19.97 19.68
C ASP B 304 -24.08 -20.87 18.70
C ASP B 304 -23.81 -21.04 18.68
N ILE B 305 -23.89 -20.69 17.39
CA ILE B 305 -24.59 -21.56 16.40
C ILE B 305 -23.76 -22.34 15.40
N CYS B 306 -22.52 -21.93 15.12
CA CYS B 306 -21.64 -22.63 14.15
C CYS B 306 -20.18 -22.60 14.54
N ASP B 307 -19.90 -22.83 15.82
CA ASP B 307 -18.52 -22.93 16.34
C ASP B 307 -17.67 -21.71 16.00
N GLY B 308 -18.30 -20.54 15.92
CA GLY B 308 -17.60 -19.30 15.63
C GLY B 308 -17.16 -19.14 14.18
N ARG B 309 -17.64 -20.01 13.29
CA ARG B 309 -17.22 -19.95 11.88
C ARG B 309 -17.92 -18.81 11.17
N ILE B 310 -17.21 -17.71 11.09
CA ILE B 310 -17.68 -16.50 10.46
C ILE B 310 -16.54 -15.90 9.62
N VAL B 311 -16.88 -15.53 8.39
CA VAL B 311 -15.95 -14.94 7.41
C VAL B 311 -16.58 -13.64 6.92
N PHE B 312 -15.86 -12.53 7.09
CA PHE B 312 -16.27 -11.23 6.56
C PHE B 312 -15.59 -11.02 5.21
N VAL B 313 -16.36 -10.57 4.21
CA VAL B 313 -15.84 -10.30 2.86
C VAL B 313 -16.28 -8.90 2.45
N GLN B 314 -15.32 -8.05 2.11
CA GLN B 314 -15.60 -6.65 1.77
C GLN B 314 -16.56 -6.53 0.58
N GLU B 315 -17.58 -5.69 0.73
CA GLU B 315 -18.44 -5.28 -0.38
C GLU B 315 -18.15 -3.78 -0.64
N GLY B 316 -19.15 -2.90 -0.69
CA GLY B 316 -18.93 -1.51 -1.02
C GLY B 316 -18.58 -0.60 0.14
N GLY B 317 -18.70 0.69 -0.13
CA GLY B 317 -18.24 1.75 0.77
C GLY B 317 -17.36 2.72 0.00
N TYR B 318 -17.69 4.01 0.11
CA TYR B 318 -17.19 5.03 -0.83
C TYR B 318 -16.68 6.28 -0.15
N SER B 319 -16.53 6.27 1.17
CA SER B 319 -15.87 7.39 1.87
C SER B 319 -14.40 7.04 2.15
N PRO B 320 -13.47 7.62 1.36
CA PRO B 320 -12.08 7.33 1.69
C PRO B 320 -11.67 7.90 3.05
N HIS B 321 -12.39 8.92 3.50
CA HIS B 321 -12.16 9.57 4.79
C HIS B 321 -12.55 8.67 5.96
N TYR B 322 -13.76 8.12 5.88
CA TYR B 322 -14.37 7.48 7.05
C TYR B 322 -14.42 5.94 6.98
N LEU B 323 -14.51 5.39 5.78
CA LEU B 323 -14.56 3.93 5.67
C LEU B 323 -13.46 3.21 6.45
N PRO B 324 -12.22 3.73 6.42
CA PRO B 324 -11.19 3.01 7.15
C PRO B 324 -11.51 2.78 8.63
N PHE B 325 -12.12 3.77 9.29
CA PHE B 325 -12.48 3.64 10.69
C PHE B 325 -13.67 2.71 10.93
N CYS B 326 -14.59 2.65 9.98
CA CYS B 326 -15.70 1.68 10.05
C CYS B 326 -15.16 0.26 9.95
N GLY B 327 -14.30 0.04 8.97
CA GLY B 327 -13.64 -1.24 8.81
C GLY B 327 -12.78 -1.65 9.98
N LEU B 328 -12.01 -0.70 10.50
CA LEU B 328 -11.13 -1.02 11.63
C LEU B 328 -11.93 -1.47 12.86
N ALA B 329 -13.10 -0.86 13.06
CA ALA B 329 -13.95 -1.23 14.19
C ALA B 329 -14.37 -2.70 14.09
N VAL B 330 -14.69 -3.16 12.88
CA VAL B 330 -15.02 -4.57 12.67
C VAL B 330 -13.82 -5.49 12.94
N ILE B 331 -12.65 -5.09 12.43
CA ILE B 331 -11.42 -5.84 12.68
C ILE B 331 -11.14 -5.95 14.17
N GLU B 332 -11.29 -4.84 14.89
CA GLU B 332 -11.08 -4.84 16.34
C GLU B 332 -12.04 -5.79 17.07
N GLU B 333 -13.27 -5.95 16.56
CA GLU B 333 -14.20 -6.90 17.17
C GLU B 333 -13.78 -8.34 16.93
N LEU B 334 -13.15 -8.59 15.79
CA LEU B 334 -12.58 -9.89 15.50
C LEU B 334 -11.37 -10.22 16.38
N THR B 335 -10.46 -9.27 16.54
CA THR B 335 -9.23 -9.49 17.32
C THR B 335 -9.42 -9.35 18.84
N GLY B 336 -10.44 -8.56 19.23
CA GLY B 336 -10.64 -8.20 20.62
C GLY B 336 -9.64 -7.21 21.17
N VAL B 337 -8.88 -6.53 20.29
CA VAL B 337 -7.89 -5.54 20.68
C VAL B 337 -8.40 -4.18 20.21
N ARG B 338 -8.80 -3.34 21.16
CA ARG B 338 -9.51 -2.08 20.87
C ARG B 338 -8.62 -0.91 21.21
N SER B 339 -7.72 -0.59 20.28
CA SER B 339 -6.56 0.27 20.53
C SER B 339 -6.55 1.64 19.84
N LEU B 340 -7.57 1.96 19.05
CA LEU B 340 -7.64 3.26 18.40
C LEU B 340 -9.07 3.79 18.44
N PRO B 341 -9.25 5.07 18.82
CA PRO B 341 -10.60 5.62 18.75
C PRO B 341 -11.01 5.96 17.32
N ASP B 342 -12.32 6.08 17.10
CA ASP B 342 -12.86 6.69 15.89
C ASP B 342 -12.74 8.19 16.08
N PRO B 343 -11.85 8.86 15.33
CA PRO B 343 -11.68 10.30 15.57
C PRO B 343 -12.88 11.16 15.17
N TYR B 344 -13.80 10.60 14.40
CA TYR B 344 -15.04 11.27 13.99
C TYR B 344 -16.18 11.02 14.97
N HIS B 345 -15.95 10.25 16.04
CA HIS B 345 -17.08 9.76 16.85
C HIS B 345 -17.99 10.89 17.34
N GLU B 346 -17.41 11.88 18.01
CA GLU B 346 -18.21 12.99 18.58
C GLU B 346 -18.87 13.82 17.48
N PHE B 347 -18.13 14.10 16.41
CA PHE B 347 -18.64 14.89 15.29
C PHE B 347 -19.88 14.26 14.68
N LEU B 348 -19.85 12.95 14.47
CA LEU B 348 -20.98 12.23 13.84
C LEU B 348 -22.10 11.85 14.79
N ALA B 349 -21.77 11.61 16.06
CA ALA B 349 -22.77 11.17 17.05
C ALA B 349 -23.83 12.26 17.27
N GLY B 350 -23.41 13.51 17.15
CA GLY B 350 -24.34 14.63 17.22
C GLY B 350 -25.35 14.78 16.09
N MET B 351 -25.13 14.09 14.96
CA MET B 351 -26.05 14.18 13.80
C MET B 351 -27.30 13.32 13.90
N GLY B 352 -27.31 12.33 14.81
CA GLY B 352 -28.49 11.52 15.06
C GLY B 352 -28.49 10.15 14.42
N GLY B 353 -29.69 9.59 14.27
CA GLY B 353 -29.86 8.19 13.89
C GLY B 353 -29.86 7.20 15.04
N ASN B 354 -29.61 7.70 16.25
N ASN B 354 -29.60 7.70 16.26
CA ASN B 354 -29.52 6.88 17.46
CA ASN B 354 -29.52 6.88 17.46
C ASN B 354 -30.85 6.66 18.16
C ASN B 354 -30.87 6.64 18.15
N THR B 355 -31.97 7.14 17.58
CA THR B 355 -33.33 6.83 18.07
C THR B 355 -34.13 6.10 17.01
N LEU B 356 -34.76 4.99 17.41
CA LEU B 356 -35.54 4.22 16.44
C LEU B 356 -36.84 4.93 16.09
N LEU B 357 -36.94 5.39 14.84
CA LEU B 357 -38.13 6.09 14.38
C LEU B 357 -39.24 5.09 14.05
N ASP B 358 -40.49 5.55 14.18
CA ASP B 358 -41.63 4.66 13.89
C ASP B 358 -41.56 4.01 12.48
N ALA B 359 -41.20 4.78 11.46
CA ALA B 359 -41.16 4.26 10.08
C ALA B 359 -40.06 3.22 9.92
N GLU B 360 -38.94 3.42 10.65
CA GLU B 360 -37.84 2.44 10.68
C GLU B 360 -38.29 1.15 11.37
N ARG B 361 -38.85 1.29 12.56
CA ARG B 361 -39.40 0.14 13.30
C ARG B 361 -40.38 -0.66 12.45
N ALA B 362 -41.26 0.04 11.75
CA ALA B 362 -42.29 -0.64 10.95
C ALA B 362 -41.71 -1.42 9.78
N ALA B 363 -40.72 -0.83 9.11
CA ALA B 363 -40.03 -1.51 8.02
C ALA B 363 -39.41 -2.82 8.47
N ILE B 364 -38.85 -2.82 9.66
CA ILE B 364 -38.19 -3.99 10.23
C ILE B 364 -39.23 -5.05 10.62
N GLU B 365 -40.30 -4.59 11.28
CA GLU B 365 -41.36 -5.47 11.73
C GLU B 365 -42.07 -6.20 10.57
N GLU B 366 -42.07 -5.61 9.37
CA GLU B 366 -42.63 -6.28 8.19
C GLU B 366 -41.98 -7.64 7.91
N ILE B 367 -40.73 -7.82 8.33
CA ILE B 367 -40.02 -9.04 8.02
C ILE B 367 -40.19 -10.12 9.09
N VAL B 368 -40.57 -9.75 10.31
CA VAL B 368 -40.62 -10.72 11.40
C VAL B 368 -41.51 -11.96 11.13
N PRO B 369 -42.70 -11.78 10.53
CA PRO B 369 -43.54 -12.96 10.25
C PRO B 369 -42.91 -13.98 9.27
N LEU B 370 -41.90 -13.55 8.53
CA LEU B 370 -41.24 -14.43 7.56
C LEU B 370 -40.25 -15.38 8.23
N LEU B 371 -39.86 -15.09 9.46
CA LEU B 371 -38.91 -15.93 10.20
C LEU B 371 -39.42 -17.37 10.41
N ALA B 372 -40.73 -17.51 10.55
CA ALA B 372 -41.33 -18.82 10.81
C ALA B 372 -41.20 -19.78 9.62
N ASP B 373 -40.95 -19.25 8.42
CA ASP B 373 -40.77 -20.10 7.23
C ASP B 373 -39.34 -20.59 7.02
N ILE B 374 -38.42 -20.18 7.90
CA ILE B 374 -37.04 -20.69 7.86
C ILE B 374 -36.98 -21.97 8.68
N ARG B 375 -36.91 -23.10 8.00
CA ARG B 375 -36.85 -24.41 8.62
C ARG B 375 -35.43 -25.00 8.46
ZN ZN C . 18.18 13.14 -5.06
K K D . 24.94 11.29 -4.72
K K E . 34.65 10.23 5.55
OH2 1PE F . 42.00 -2.45 8.40
C12 1PE F . 42.30 -1.53 9.46
C22 1PE F . 41.05 -0.82 9.96
OH3 1PE F . 41.35 0.54 10.26
C13 1PE F . 41.26 2.56 9.10
C23 1PE F . 40.43 1.58 9.86
OH4 1PE F . 40.60 3.48 8.21
C14 1PE F . 42.41 5.14 8.33
C24 1PE F . 41.58 4.22 7.43
OH5 1PE F . 43.32 6.02 7.68
C25 1PE F . 44.09 6.71 8.68
C1 PEG G . 41.54 11.77 -23.62
O1 PEG G . 42.49 12.72 -23.12
C2 PEG G . 40.63 12.39 -24.69
O2 PEG G . 39.36 11.74 -24.70
C3 PEG G . 39.18 10.68 -25.67
C4 PEG G . 39.64 9.35 -25.06
O4 PEG G . 39.17 8.21 -25.80
C1 PEG H . 31.73 19.67 6.38
C1 PEG H . 31.94 21.15 7.01
O1 PEG H . 32.18 20.05 7.68
O1 PEG H . 32.36 21.04 8.38
C2 PEG H . 32.49 20.46 5.33
C2 PEG H . 33.13 20.93 6.09
O2 PEG H . 32.30 19.85 4.05
O2 PEG H . 33.01 21.70 4.89
C3 PEG H . 30.96 20.03 3.61
C3 PEG H . 32.25 21.04 3.88
C4 PEG H . 30.05 19.00 4.27
C4 PEG H . 32.87 21.27 2.51
O4 PEG H . 28.96 18.67 3.41
O4 PEG H . 32.00 22.09 1.71
C1 F0Z I . 1.58 -6.62 -0.63
S F0Z I . 4.24 -7.27 -0.71
C F0Z I . 2.57 -7.55 -0.29
C5 F0Z I . 2.16 -8.70 0.35
C4 F0Z I . 0.82 -8.93 0.66
C3 F0Z I . -0.15 -7.99 0.32
C2 F0Z I . 0.24 -6.83 -0.32
C6 F0Z I . 3.13 -9.73 0.76
N1 F0Z I . 3.92 -9.45 1.81
C9 F0Z I . 4.88 -10.43 2.31
C8 F0Z I . 4.47 -11.84 1.93
C7 F0Z I . 4.07 -11.94 0.45
N F0Z I . 3.18 -10.83 0.14
C1 F0Z J . 36.99 -5.44 -5.08
S F0Z J . 35.06 -4.12 -6.36
C F0Z J . 36.32 -5.31 -6.28
C5 F0Z J . 36.75 -6.12 -7.31
C4 F0Z J . 37.80 -7.05 -7.16
C3 F0Z J . 38.44 -7.19 -5.95
C2 F0Z J . 38.03 -6.39 -4.90
C6 F0Z J . 36.16 -6.05 -8.67
N1 F0Z J . 35.63 -7.13 -9.22
C9 F0Z J . 35.30 -7.12 -10.64
C8 F0Z J . 36.14 -6.11 -11.40
C7 F0Z J . 36.22 -4.74 -10.73
N F0Z J . 36.30 -4.96 -9.30
C ACT K . 17.15 13.71 -2.92
O ACT K . 16.51 13.41 -3.91
OXT ACT K . 18.35 13.84 -3.13
CH3 ACT K . 16.52 13.91 -1.56
C1 MLT L . 1.38 -3.44 1.71
O1 MLT L . 0.38 -2.95 2.28
O2 MLT L . 1.71 -3.07 0.58
C2 MLT L . 2.22 -4.48 2.41
O3 MLT L . 3.14 -5.07 1.48
C3 MLT L . 1.32 -5.53 3.05
C4 MLT L . 2.13 -6.71 3.60
O4 MLT L . 1.55 -7.50 4.38
O5 MLT L . 3.34 -6.87 3.27
ZN ZN M . -23.05 -0.92 -1.80
K K N . -27.35 -5.47 1.35
K K O . -31.56 -18.85 -1.01
OH2 1PE P . -29.31 -29.65 8.22
C12 1PE P . -29.03 -29.99 6.85
C22 1PE P . -30.33 -30.02 6.09
OH3 1PE P . -30.16 -29.72 4.69
C13 1PE P . -31.81 -28.00 4.37
C23 1PE P . -30.35 -28.37 4.25
OH4 1PE P . -32.20 -26.77 3.75
C14 1PE P . -34.67 -27.04 4.21
C24 1PE P . -33.38 -26.20 4.35
OH5 1PE P . -35.32 -26.83 2.96
C15 1PE P . -36.34 -28.04 1.10
C25 1PE P . -36.26 -27.89 2.62
OH6 1PE P . -35.43 -29.08 0.62
C16 1PE P . -33.83 -29.66 -1.27
C26 1PE P . -35.14 -29.03 -0.79
OH7 1PE P . -33.10 -28.76 -2.15
C1 PEG Q . -45.78 0.79 16.14
O1 PEG Q . -46.83 0.01 16.72
C2 PEG Q . -45.36 1.93 17.07
O2 PEG Q . -44.59 1.39 18.15
C3 PEG Q . -44.09 2.41 18.99
C4 PEG Q . -43.09 1.83 19.99
O4 PEG Q . -43.47 0.55 20.49
C1 PEG R . -1.04 -10.17 3.43
O1 PEG R . -2.29 -9.67 3.91
C2 PEG R . -1.20 -11.46 2.61
O2 PEG R . 0.03 -12.20 2.42
C3 PEG R . 0.39 -13.04 3.53
C4 PEG R . 1.19 -14.27 3.14
O4 PEG R . 1.74 -14.87 4.32
C1 PEG S . -37.19 -7.87 -9.14
O1 PEG S . -36.46 -7.19 -10.16
C2 PEG S . -36.31 -8.95 -8.50
O2 PEG S . -36.88 -10.25 -8.79
C3 PEG S . -36.52 -11.29 -7.88
C4 PEG S . -35.24 -12.00 -8.35
O4 PEG S . -35.55 -13.19 -9.10
C1 PEG T . -26.23 -21.56 -8.21
O1 PEG T . -25.01 -21.38 -8.97
C2 PEG T . -27.45 -21.48 -9.13
O2 PEG T . -27.54 -20.23 -9.82
C3 PEG T . -28.55 -20.19 -10.83
C4 PEG T . -29.59 -19.10 -10.53
O4 PEG T . -29.71 -18.10 -11.55
C1 F0Z U . 1.98 -3.19 5.64
S F0Z U . 0.18 -4.78 6.94
C F0Z U . 1.80 -4.32 6.44
C5 F0Z U . 2.92 -5.04 6.84
C4 F0Z U . 4.20 -4.65 6.45
C3 F0Z U . 4.37 -3.53 5.64
C2 F0Z U . 3.25 -2.79 5.25
C6 F0Z U . 2.80 -6.25 7.68
N1 F0Z U . 3.19 -6.21 8.96
C9 F0Z U . 3.18 -7.40 9.80
C8 F0Z U . 3.19 -8.69 8.95
C7 F0Z U . 2.21 -8.63 7.79
N F0Z U . 2.35 -7.33 7.16
C1 F0Z V . -29.78 -14.74 17.64
S F0Z V . -27.48 -15.95 17.24
C F0Z V . -28.58 -15.10 18.26
C5 F0Z V . -28.41 -14.73 19.60
C4 F0Z V . -29.40 -14.02 20.27
C3 F0Z V . -30.57 -13.66 19.62
C2 F0Z V . -30.77 -14.02 18.29
C6 F0Z V . -27.23 -15.03 20.46
N1 F0Z V . -26.19 -14.21 20.52
C9 F0Z V . -25.12 -14.42 21.48
C8 F0Z V . -25.60 -15.12 22.75
C7 F0Z V . -26.63 -16.23 22.51
N F0Z V . -27.29 -16.04 21.22
C ACT W . -22.02 -1.64 -3.90
O ACT W . -23.03 -2.17 -3.46
OXT ACT W . -21.55 -0.77 -3.20
CH3 ACT W . -21.34 -2.03 -5.17
#